data_1OEY
#
_entry.id   1OEY
#
_cell.length_a   151.422
_cell.length_b   151.422
_cell.length_c   68.317
_cell.angle_alpha   90.00
_cell.angle_beta   90.00
_cell.angle_gamma   120.00
#
_symmetry.space_group_name_H-M   'P 64'
#
loop_
_entity.id
_entity.type
_entity.pdbx_description
1 polymer 'NEUTROPHIL CYTOSOL FACTOR 2'
2 polymer 'NEUTROPHIL CYTOSOL FACTOR 4'
3 water water
#
loop_
_entity_poly.entity_id
_entity_poly.type
_entity_poly.pdbx_seq_one_letter_code
_entity_poly.pdbx_strand_id
1 'polypeptide(L)'
;GSH(MSE)AYTLKVHYKYTVV(MSE)KTQPGLPYSQVRD(MSE)VSKKLELRLEHTKLSYRPRDSNELVPLSEDS(MSE)
KDAWGQVKNYCLTLWCENT
;
A,B,C,D
2 'polypeptide(L)'
;GSH(MSE)TNWLRVYYYEDTISTIKDIAVEEDLSSTPLLKDLLELTRREFQREDIALNYRDAEGDLVRLLSDEDVAL
(MSE)VRQARGLPSQKRLFPWKLHITQKDNYRVYNT(MSE)P
;
J,K,L,M
#
# COMPACT_ATOMS: atom_id res chain seq x y z
N GLY A 1 10.84 -40.08 40.02
CA GLY A 1 10.09 -39.99 38.74
C GLY A 1 10.70 -38.95 37.82
N SER A 2 10.02 -38.68 36.71
CA SER A 2 10.50 -37.78 35.65
C SER A 2 10.33 -36.29 36.00
N HIS A 3 11.32 -35.48 35.63
CA HIS A 3 11.23 -34.03 35.76
C HIS A 3 10.41 -33.39 34.64
N MSE A 4 10.04 -34.15 33.61
CA MSE A 4 9.25 -33.58 32.51
C MSE A 4 7.74 -33.65 32.76
O MSE A 4 7.28 -34.40 33.61
CB MSE A 4 9.54 -34.29 31.19
CG MSE A 4 11.00 -34.36 30.80
SE MSE A 4 11.94 -32.62 30.86
CE MSE A 4 10.63 -31.34 30.03
N ALA A 5 7.01 -32.87 31.98
CA ALA A 5 5.57 -32.84 32.05
C ALA A 5 5.02 -33.66 30.87
N TYR A 6 4.16 -34.62 31.18
CA TYR A 6 3.52 -35.45 30.16
C TYR A 6 2.05 -35.09 30.02
N THR A 7 1.51 -35.33 28.82
CA THR A 7 0.09 -35.22 28.56
C THR A 7 -0.47 -36.48 27.89
N LEU A 8 -1.77 -36.66 28.08
CA LEU A 8 -2.57 -37.58 27.32
C LEU A 8 -3.32 -36.74 26.30
N LYS A 9 -3.19 -37.05 25.02
CA LYS A 9 -4.07 -36.46 24.02
C LYS A 9 -5.07 -37.53 23.61
N VAL A 10 -6.37 -37.18 23.67
CA VAL A 10 -7.43 -38.14 23.37
C VAL A 10 -8.29 -37.66 22.24
N HIS A 11 -8.42 -38.48 21.21
CA HIS A 11 -9.28 -38.16 20.09
C HIS A 11 -10.59 -38.90 20.22
N TYR A 12 -11.60 -38.15 20.60
CA TYR A 12 -12.98 -38.60 20.69
C TYR A 12 -13.66 -38.04 19.43
N LYS A 13 -14.93 -37.62 19.49
CA LYS A 13 -15.54 -36.82 18.40
C LYS A 13 -14.76 -35.49 18.25
N TYR A 14 -14.35 -34.95 19.40
CA TYR A 14 -13.41 -33.83 19.51
C TYR A 14 -12.15 -34.31 20.22
N THR A 15 -11.13 -33.47 20.22
CA THR A 15 -9.84 -33.80 20.80
C THR A 15 -9.65 -33.03 22.10
N VAL A 16 -9.09 -33.68 23.11
CA VAL A 16 -8.76 -33.03 24.37
C VAL A 16 -7.34 -33.37 24.74
N VAL A 17 -6.79 -32.57 25.63
CA VAL A 17 -5.44 -32.76 26.14
C VAL A 17 -5.46 -32.55 27.65
N MSE A 18 -4.86 -33.46 28.40
CA MSE A 18 -4.79 -33.33 29.85
C MSE A 18 -3.45 -33.77 30.39
O MSE A 18 -2.75 -34.62 29.83
CB MSE A 18 -5.92 -34.12 30.52
CG MSE A 18 -5.70 -35.61 30.62
SE MSE A 18 -7.45 -36.66 30.52
CE MSE A 18 -7.83 -36.38 28.61
N LYS A 19 -3.08 -33.18 31.52
CA LYS A 19 -1.83 -33.51 32.14
C LYS A 19 -1.91 -34.94 32.61
N THR A 20 -0.79 -35.66 32.56
CA THR A 20 -0.79 -37.01 33.11
C THR A 20 0.54 -37.33 33.75
N GLN A 21 0.53 -38.31 34.66
CA GLN A 21 1.77 -38.92 35.13
C GLN A 21 2.18 -40.04 34.13
N PRO A 22 3.44 -40.08 33.71
CA PRO A 22 3.92 -41.16 32.82
C PRO A 22 3.95 -42.57 33.44
N GLY A 23 3.26 -43.52 32.79
CA GLY A 23 3.19 -44.90 33.25
C GLY A 23 1.95 -45.29 34.08
N LEU A 24 0.96 -44.42 34.17
CA LEU A 24 -0.26 -44.69 34.95
C LEU A 24 -0.91 -46.02 34.52
N PRO A 25 -1.51 -46.75 35.44
CA PRO A 25 -2.28 -47.95 35.06
C PRO A 25 -3.56 -47.62 34.27
N TYR A 26 -4.01 -48.62 33.52
CA TYR A 26 -5.21 -48.51 32.70
C TYR A 26 -6.44 -48.02 33.47
N SER A 27 -6.66 -48.58 34.66
CA SER A 27 -7.79 -48.18 35.48
C SER A 27 -7.87 -46.66 35.65
N GLN A 28 -6.72 -46.06 35.98
CA GLN A 28 -6.63 -44.61 36.21
C GLN A 28 -6.69 -43.80 34.90
N VAL A 29 -6.09 -44.32 33.84
CA VAL A 29 -6.15 -43.63 32.55
C VAL A 29 -7.58 -43.63 32.06
N ARG A 30 -8.27 -44.79 32.10
CA ARG A 30 -9.68 -44.83 31.68
C ARG A 30 -10.53 -43.86 32.51
N ASP A 31 -10.31 -43.84 33.82
CA ASP A 31 -11.12 -43.02 34.71
C ASP A 31 -10.98 -41.51 34.41
N MSE A 32 -9.76 -41.08 34.16
CA MSE A 32 -9.49 -39.68 33.89
C MSE A 32 -10.05 -39.29 32.51
O MSE A 32 -10.57 -38.17 32.34
CB MSE A 32 -8.00 -39.32 34.09
CG MSE A 32 -6.97 -39.88 33.11
SE MSE A 32 -5.11 -39.00 33.34
CE MSE A 32 -5.04 -38.89 35.43
N VAL A 33 -10.04 -40.19 31.53
CA VAL A 33 -10.63 -39.88 30.22
C VAL A 33 -12.14 -39.84 30.33
N SER A 34 -12.72 -40.78 31.06
CA SER A 34 -14.16 -40.82 31.30
C SER A 34 -14.67 -39.51 31.96
N LYS A 35 -13.94 -39.03 32.96
CA LYS A 35 -14.30 -37.79 33.65
C LYS A 35 -14.15 -36.60 32.70
N LYS A 36 -13.02 -36.52 32.02
CA LYS A 36 -12.81 -35.41 31.11
C LYS A 36 -13.89 -35.35 30.03
N LEU A 37 -14.28 -36.48 29.45
CA LEU A 37 -15.26 -36.50 28.36
C LEU A 37 -16.71 -36.63 28.83
N GLU A 38 -16.90 -36.63 30.14
CA GLU A 38 -18.23 -36.81 30.77
C GLU A 38 -18.97 -38.00 30.19
N LEU A 39 -18.25 -39.11 30.12
CA LEU A 39 -18.74 -40.41 29.66
C LEU A 39 -18.77 -41.41 30.80
N ARG A 40 -19.77 -42.29 30.80
CA ARG A 40 -19.79 -43.41 31.74
C ARG A 40 -18.59 -44.28 31.47
N LEU A 41 -17.90 -44.66 32.54
CA LEU A 41 -16.74 -45.54 32.48
C LEU A 41 -16.87 -46.70 31.48
N GLU A 42 -17.99 -47.38 31.59
CA GLU A 42 -18.28 -48.56 30.78
C GLU A 42 -18.39 -48.21 29.32
N HIS A 43 -18.74 -46.95 29.01
CA HIS A 43 -18.82 -46.46 27.63
C HIS A 43 -17.53 -45.76 27.12
N THR A 44 -16.44 -45.92 27.86
CA THR A 44 -15.16 -45.31 27.55
C THR A 44 -14.22 -46.39 27.02
N LYS A 45 -14.16 -46.49 25.68
CA LYS A 45 -13.47 -47.56 24.97
C LYS A 45 -12.29 -46.95 24.21
N LEU A 46 -11.10 -47.19 24.72
CA LEU A 46 -9.90 -46.55 24.25
C LEU A 46 -9.06 -47.50 23.44
N SER A 47 -8.30 -46.94 22.51
CA SER A 47 -7.33 -47.64 21.70
C SER A 47 -6.06 -46.81 21.53
N TYR A 48 -4.98 -47.49 21.13
CA TYR A 48 -3.70 -46.85 20.84
C TYR A 48 -3.06 -47.43 19.56
N ARG A 49 -2.08 -46.74 18.99
CA ARG A 49 -1.31 -47.26 17.87
C ARG A 49 0.01 -47.88 18.34
N PRO A 50 0.19 -49.19 18.14
CA PRO A 50 1.47 -49.85 18.49
C PRO A 50 2.65 -49.42 17.60
N ARG A 51 3.86 -49.72 18.05
CA ARG A 51 5.09 -49.45 17.30
C ARG A 51 4.98 -49.87 15.82
N ASP A 52 5.04 -48.88 14.93
CA ASP A 52 5.12 -49.07 13.45
C ASP A 52 3.86 -49.66 12.79
N SER A 53 2.69 -49.44 13.41
CA SER A 53 1.41 -49.94 12.87
C SER A 53 0.60 -48.78 12.31
N ASN A 54 -0.23 -49.04 11.30
CA ASN A 54 -1.27 -48.10 10.85
C ASN A 54 -2.58 -48.35 11.63
N GLU A 55 -2.67 -49.56 12.20
CA GLU A 55 -3.86 -50.05 12.87
C GLU A 55 -3.80 -49.76 14.34
N LEU A 56 -4.93 -49.37 14.91
CA LEU A 56 -5.08 -49.29 16.36
C LEU A 56 -5.34 -50.65 16.99
N VAL A 57 -5.09 -50.72 18.29
CA VAL A 57 -5.23 -51.91 19.11
C VAL A 57 -5.96 -51.49 20.41
N PRO A 58 -6.82 -52.31 20.99
CA PRO A 58 -7.52 -51.89 22.21
C PRO A 58 -6.55 -51.64 23.38
N LEU A 59 -6.82 -50.60 24.14
CA LEU A 59 -6.12 -50.31 25.38
C LEU A 59 -6.76 -51.19 26.46
N SER A 60 -5.93 -51.76 27.32
CA SER A 60 -6.41 -52.58 28.42
C SER A 60 -5.37 -52.62 29.54
N GLU A 61 -5.72 -53.28 30.66
CA GLU A 61 -4.74 -53.52 31.72
C GLU A 61 -3.47 -54.16 31.15
N ASP A 62 -3.66 -55.10 30.23
CA ASP A 62 -2.56 -55.90 29.68
C ASP A 62 -1.71 -55.15 28.68
N SER A 63 -2.33 -54.27 27.89
CA SER A 63 -1.59 -53.54 26.85
C SER A 63 -1.12 -52.14 27.29
N MSE A 64 -1.44 -51.73 28.53
CA MSE A 64 -1.14 -50.38 28.99
C MSE A 64 0.36 -50.05 28.91
O MSE A 64 0.73 -49.00 28.41
CB MSE A 64 -1.64 -50.15 30.43
CG MSE A 64 -1.59 -48.68 30.88
SE MSE A 64 -2.96 -47.57 29.96
CE MSE A 64 -1.71 -46.44 28.84
N LYS A 65 1.20 -50.96 29.37
CA LYS A 65 2.65 -50.76 29.33
C LYS A 65 3.18 -50.55 27.91
N ASP A 66 2.68 -51.33 26.97
CA ASP A 66 3.06 -51.17 25.57
C ASP A 66 2.67 -49.78 25.05
N ALA A 67 1.45 -49.35 25.37
CA ALA A 67 0.96 -48.03 25.01
C ALA A 67 1.91 -46.91 25.49
N TRP A 68 2.38 -47.00 26.74
CA TRP A 68 3.26 -45.98 27.31
C TRP A 68 4.58 -45.96 26.57
N GLY A 69 5.00 -47.09 26.01
CA GLY A 69 6.16 -47.15 25.14
C GLY A 69 6.02 -46.39 23.81
N GLN A 70 4.82 -45.90 23.51
CA GLN A 70 4.55 -45.13 22.29
C GLN A 70 4.40 -43.63 22.53
N VAL A 71 4.80 -43.16 23.70
CA VAL A 71 4.81 -41.74 23.97
C VAL A 71 5.72 -41.06 22.95
N LYS A 72 5.28 -39.91 22.45
CA LYS A 72 6.11 -39.11 21.56
C LYS A 72 6.06 -37.64 22.00
N ASN A 73 7.24 -37.04 22.14
CA ASN A 73 7.40 -35.69 22.66
C ASN A 73 6.50 -35.46 23.88
N TYR A 74 6.64 -36.37 24.83
CA TYR A 74 6.03 -36.26 26.15
C TYR A 74 4.51 -36.36 26.11
N CYS A 75 4.00 -36.99 25.07
CA CYS A 75 2.58 -37.09 24.87
C CYS A 75 2.19 -38.51 24.40
N LEU A 76 1.20 -39.09 25.08
CA LEU A 76 0.57 -40.35 24.68
C LEU A 76 -0.75 -40.00 24.00
N THR A 77 -0.92 -40.41 22.74
CA THR A 77 -2.17 -40.16 22.02
C THR A 77 -3.03 -41.43 22.06
N LEU A 78 -4.30 -41.27 22.47
CA LEU A 78 -5.30 -42.32 22.49
C LEU A 78 -6.50 -41.94 21.64
N TRP A 79 -7.25 -42.95 21.21
CA TRP A 79 -8.52 -42.72 20.54
C TRP A 79 -9.63 -43.29 21.40
N CYS A 80 -10.75 -42.57 21.45
CA CYS A 80 -11.90 -42.95 22.23
C CYS A 80 -13.06 -43.21 21.27
N GLU A 81 -13.53 -44.46 21.26
CA GLU A 81 -14.56 -44.88 20.31
C GLU A 81 -15.78 -43.98 20.43
N ASN A 82 -16.27 -43.58 19.26
CA ASN A 82 -17.51 -42.85 18.98
C ASN A 82 -17.27 -41.43 18.46
N ALA B 5 -24.57 -20.43 -5.97
CA ALA B 5 -23.80 -19.16 -5.95
C ALA B 5 -23.28 -18.77 -7.34
N TYR B 6 -23.94 -17.80 -7.98
CA TYR B 6 -23.49 -17.28 -9.25
C TYR B 6 -22.34 -16.27 -9.02
N THR B 7 -21.46 -16.10 -10.00
CA THR B 7 -20.49 -15.02 -9.98
C THR B 7 -20.54 -14.17 -11.24
N LEU B 8 -20.16 -12.92 -11.09
CA LEU B 8 -19.99 -12.01 -12.18
C LEU B 8 -18.47 -11.79 -12.28
N LYS B 9 -17.93 -11.96 -13.48
CA LYS B 9 -16.53 -11.71 -13.76
C LYS B 9 -16.46 -10.55 -14.73
N VAL B 10 -15.75 -9.49 -14.38
CA VAL B 10 -15.69 -8.28 -15.20
C VAL B 10 -14.24 -8.04 -15.57
N HIS B 11 -13.99 -7.99 -16.88
CA HIS B 11 -12.71 -7.62 -17.43
C HIS B 11 -12.72 -6.14 -17.71
N TYR B 12 -12.08 -5.39 -16.82
CA TYR B 12 -11.78 -3.99 -17.02
C TYR B 12 -10.31 -4.00 -17.50
N LYS B 13 -9.49 -3.04 -17.07
CA LYS B 13 -8.09 -3.08 -17.40
C LYS B 13 -7.49 -4.24 -16.62
N TYR B 14 -8.05 -4.47 -15.43
CA TYR B 14 -7.82 -5.66 -14.61
C TYR B 14 -9.16 -6.38 -14.39
N THR B 15 -9.08 -7.63 -13.96
CA THR B 15 -10.24 -8.50 -13.84
C THR B 15 -10.69 -8.56 -12.36
N VAL B 16 -11.99 -8.50 -12.14
CA VAL B 16 -12.56 -8.72 -10.82
C VAL B 16 -13.65 -9.78 -10.91
N VAL B 17 -13.93 -10.42 -9.78
CA VAL B 17 -15.01 -11.37 -9.64
C VAL B 17 -15.77 -11.01 -8.37
N MSE B 18 -17.10 -11.09 -8.44
CA MSE B 18 -17.95 -10.84 -7.29
C MSE B 18 -19.17 -11.75 -7.32
O MSE B 18 -19.67 -12.09 -8.39
CB MSE B 18 -18.39 -9.37 -7.28
CG MSE B 18 -19.43 -9.00 -8.36
SE MSE B 18 -19.45 -7.06 -8.94
CE MSE B 18 -18.10 -7.26 -10.44
N LYS B 19 -19.64 -12.16 -6.15
CA LYS B 19 -20.88 -12.94 -6.07
C LYS B 19 -22.07 -12.07 -6.53
N THR B 20 -23.01 -12.72 -7.19
CA THR B 20 -24.20 -12.06 -7.74
C THR B 20 -25.39 -13.01 -7.69
N GLN B 21 -26.58 -12.44 -7.89
CA GLN B 21 -27.78 -13.23 -8.06
C GLN B 21 -28.11 -13.18 -9.54
N PRO B 22 -28.51 -14.30 -10.13
CA PRO B 22 -28.81 -14.35 -11.57
C PRO B 22 -30.14 -13.71 -11.92
N GLY B 23 -30.19 -13.04 -13.07
CA GLY B 23 -31.41 -12.47 -13.61
C GLY B 23 -31.62 -10.98 -13.36
N LEU B 24 -30.77 -10.37 -12.56
CA LEU B 24 -30.93 -8.98 -12.17
C LEU B 24 -31.01 -8.04 -13.38
N PRO B 25 -31.75 -6.94 -13.23
CA PRO B 25 -31.84 -5.94 -14.30
C PRO B 25 -30.48 -5.34 -14.64
N TYR B 26 -30.33 -4.91 -15.89
CA TYR B 26 -29.17 -4.15 -16.33
C TYR B 26 -28.79 -3.08 -15.32
N SER B 27 -29.81 -2.44 -14.75
CA SER B 27 -29.64 -1.36 -13.79
C SER B 27 -28.79 -1.76 -12.58
N GLN B 28 -29.11 -2.89 -11.96
CA GLN B 28 -28.43 -3.32 -10.72
C GLN B 28 -27.08 -4.00 -11.00
N VAL B 29 -26.92 -4.57 -12.20
CA VAL B 29 -25.65 -5.17 -12.60
C VAL B 29 -24.63 -4.04 -12.75
N ARG B 30 -25.00 -3.05 -13.58
CA ARG B 30 -24.23 -1.84 -13.78
C ARG B 30 -23.79 -1.20 -12.47
N ASP B 31 -24.66 -1.29 -11.48
CA ASP B 31 -24.41 -0.62 -10.20
C ASP B 31 -23.36 -1.33 -9.33
N MSE B 32 -23.41 -2.66 -9.28
CA MSE B 32 -22.41 -3.44 -8.55
C MSE B 32 -21.04 -3.26 -9.17
O MSE B 32 -20.04 -3.16 -8.47
CB MSE B 32 -22.71 -4.93 -8.61
CG MSE B 32 -24.03 -5.39 -8.05
SE MSE B 32 -24.38 -7.16 -8.85
CE MSE B 32 -23.06 -8.20 -7.80
N VAL B 33 -21.03 -3.23 -10.50
CA VAL B 33 -19.78 -3.18 -11.25
C VAL B 33 -19.10 -1.84 -11.05
N SER B 34 -19.91 -0.79 -11.13
CA SER B 34 -19.47 0.58 -10.90
C SER B 34 -18.90 0.75 -9.49
N LYS B 35 -19.54 0.13 -8.50
CA LYS B 35 -19.12 0.23 -7.11
C LYS B 35 -17.81 -0.52 -6.86
N LYS B 36 -17.67 -1.66 -7.52
CA LYS B 36 -16.54 -2.56 -7.35
C LYS B 36 -15.27 -1.93 -7.96
N LEU B 37 -15.42 -1.36 -9.14
CA LEU B 37 -14.32 -0.76 -9.88
C LEU B 37 -14.10 0.71 -9.49
N GLU B 38 -15.01 1.24 -8.67
CA GLU B 38 -15.01 2.65 -8.28
C GLU B 38 -14.99 3.61 -9.50
N LEU B 39 -15.79 3.31 -10.52
CA LEU B 39 -15.93 4.17 -11.68
C LEU B 39 -17.33 4.74 -11.76
N ARG B 40 -17.44 5.98 -12.19
CA ARG B 40 -18.77 6.60 -12.32
C ARG B 40 -19.60 5.86 -13.34
N LEU B 41 -20.91 5.80 -13.11
CA LEU B 41 -21.84 5.02 -13.92
C LEU B 41 -21.74 5.34 -15.42
N GLU B 42 -21.34 6.56 -15.76
CA GLU B 42 -21.25 7.01 -17.16
C GLU B 42 -20.18 6.27 -17.96
N HIS B 43 -19.07 5.94 -17.32
CA HIS B 43 -17.99 5.22 -17.98
C HIS B 43 -17.95 3.76 -17.53
N THR B 44 -19.06 3.29 -16.94
CA THR B 44 -19.29 1.85 -16.70
C THR B 44 -20.02 1.26 -17.94
N LYS B 45 -19.34 1.25 -19.10
CA LYS B 45 -19.91 0.75 -20.35
C LYS B 45 -19.61 -0.74 -20.53
N LEU B 46 -20.64 -1.57 -20.43
CA LEU B 46 -20.46 -3.01 -20.38
C LEU B 46 -20.86 -3.74 -21.66
N SER B 47 -20.37 -4.98 -21.78
CA SER B 47 -20.61 -5.84 -22.93
C SER B 47 -20.45 -7.30 -22.54
N TYR B 48 -21.08 -8.20 -23.30
CA TYR B 48 -20.93 -9.63 -23.10
C TYR B 48 -20.57 -10.35 -24.38
N ARG B 49 -20.28 -11.63 -24.25
CA ARG B 49 -19.92 -12.49 -25.36
C ARG B 49 -20.77 -13.75 -25.31
N PRO B 50 -21.68 -13.90 -26.25
CA PRO B 50 -22.44 -15.15 -26.34
C PRO B 50 -21.53 -16.29 -26.79
N ARG B 51 -21.82 -17.51 -26.34
CA ARG B 51 -21.19 -18.72 -26.91
C ARG B 51 -21.55 -18.88 -28.40
N ASP B 52 -22.57 -18.15 -28.85
CA ASP B 52 -22.98 -18.10 -30.26
C ASP B 52 -21.97 -17.44 -31.21
N SER B 53 -20.99 -16.72 -30.65
CA SER B 53 -20.04 -15.94 -31.46
C SER B 53 -18.74 -15.54 -30.73
N ASN B 54 -17.92 -14.70 -31.38
CA ASN B 54 -16.67 -14.18 -30.80
C ASN B 54 -16.66 -12.67 -30.58
N GLU B 55 -17.61 -11.96 -31.18
CA GLU B 55 -17.66 -10.50 -31.09
C GLU B 55 -18.48 -10.07 -29.88
N LEU B 56 -18.04 -9.00 -29.21
CA LEU B 56 -18.74 -8.47 -28.04
C LEU B 56 -20.01 -7.73 -28.43
N VAL B 57 -21.03 -7.88 -27.59
CA VAL B 57 -22.34 -7.26 -27.78
C VAL B 57 -22.60 -6.29 -26.61
N PRO B 58 -23.09 -5.08 -26.89
CA PRO B 58 -23.40 -4.14 -25.81
C PRO B 58 -24.43 -4.70 -24.82
N LEU B 59 -24.23 -4.40 -23.54
CA LEU B 59 -25.19 -4.71 -22.49
C LEU B 59 -26.13 -3.55 -22.38
N SER B 60 -27.42 -3.84 -22.30
CA SER B 60 -28.44 -2.79 -22.18
C SER B 60 -29.68 -3.40 -21.54
N GLU B 61 -30.71 -2.57 -21.37
CA GLU B 61 -31.99 -3.03 -20.87
C GLU B 61 -32.38 -4.24 -21.69
N ASP B 62 -32.47 -4.03 -23.02
CA ASP B 62 -32.96 -5.05 -23.96
C ASP B 62 -32.10 -6.31 -24.10
N SER B 63 -30.81 -6.19 -23.79
CA SER B 63 -29.84 -7.27 -23.95
C SER B 63 -29.71 -8.14 -22.69
N MSE B 64 -30.01 -7.56 -21.53
CA MSE B 64 -29.63 -8.15 -20.27
C MSE B 64 -30.07 -9.61 -20.18
O MSE B 64 -29.30 -10.47 -19.77
CB MSE B 64 -30.19 -7.34 -19.09
CG MSE B 64 -29.63 -7.75 -17.72
SE MSE B 64 -27.72 -7.27 -17.45
CE MSE B 64 -26.94 -9.10 -17.66
N LYS B 65 -31.31 -9.89 -20.58
CA LYS B 65 -31.86 -11.23 -20.41
C LYS B 65 -31.07 -12.27 -21.21
N ASP B 66 -30.71 -11.91 -22.43
CA ASP B 66 -29.89 -12.77 -23.29
C ASP B 66 -28.49 -13.00 -22.70
N ALA B 67 -27.90 -11.93 -22.18
CA ALA B 67 -26.62 -11.98 -21.50
C ALA B 67 -26.63 -13.03 -20.38
N TRP B 68 -27.72 -13.10 -19.61
CA TRP B 68 -27.87 -14.12 -18.55
C TRP B 68 -27.89 -15.52 -19.13
N GLY B 69 -28.44 -15.67 -20.33
CA GLY B 69 -28.40 -16.94 -21.03
C GLY B 69 -27.01 -17.44 -21.40
N GLN B 70 -25.98 -16.59 -21.24
CA GLN B 70 -24.60 -16.95 -21.61
C GLN B 70 -23.72 -17.36 -20.42
N VAL B 71 -24.35 -17.68 -19.29
CA VAL B 71 -23.64 -18.22 -18.12
C VAL B 71 -22.91 -19.50 -18.49
N LYS B 72 -21.60 -19.56 -18.23
CA LYS B 72 -20.81 -20.75 -18.54
C LYS B 72 -20.94 -21.77 -17.40
N ASN B 73 -20.25 -21.55 -16.29
CA ASN B 73 -20.40 -22.42 -15.13
C ASN B 73 -20.75 -21.54 -13.95
N TYR B 74 -22.04 -21.26 -13.82
CA TYR B 74 -22.53 -20.38 -12.78
C TYR B 74 -21.77 -19.04 -12.75
N CYS B 75 -21.28 -18.60 -13.91
CA CYS B 75 -20.54 -17.35 -14.03
C CYS B 75 -20.85 -16.60 -15.32
N LEU B 76 -21.27 -15.35 -15.18
CA LEU B 76 -21.43 -14.46 -16.32
C LEU B 76 -20.21 -13.57 -16.45
N THR B 77 -19.60 -13.58 -17.64
CA THR B 77 -18.43 -12.74 -17.92
C THR B 77 -18.85 -11.49 -18.70
N LEU B 78 -18.39 -10.33 -18.25
CA LEU B 78 -18.62 -9.07 -18.92
C LEU B 78 -17.29 -8.35 -19.14
N TRP B 79 -17.32 -7.34 -20.02
CA TRP B 79 -16.18 -6.53 -20.34
C TRP B 79 -16.55 -5.06 -20.11
N CYS B 80 -15.72 -4.37 -19.34
CA CYS B 80 -15.91 -2.95 -19.07
C CYS B 80 -14.89 -2.17 -19.89
N GLU B 81 -15.33 -1.15 -20.60
CA GLU B 81 -14.45 -0.45 -21.54
C GLU B 81 -13.86 0.79 -20.87
N TYR C 6 0.22 36.61 -1.66
CA TYR C 6 -0.22 35.27 -2.14
C TYR C 6 -1.74 35.09 -2.24
N THR C 7 -2.23 34.79 -3.44
CA THR C 7 -3.67 34.68 -3.68
C THR C 7 -4.10 33.48 -4.49
N LEU C 8 -5.39 33.23 -4.45
CA LEU C 8 -6.06 32.26 -5.29
C LEU C 8 -7.01 33.05 -6.18
N LYS C 9 -6.85 32.94 -7.50
CA LYS C 9 -7.82 33.48 -8.45
C LYS C 9 -8.69 32.34 -8.97
N VAL C 10 -10.00 32.44 -8.78
CA VAL C 10 -10.92 31.38 -9.15
C VAL C 10 -11.90 31.90 -10.20
N HIS C 11 -11.93 31.24 -11.35
CA HIS C 11 -12.92 31.54 -12.39
C HIS C 11 -14.11 30.60 -12.24
N TYR C 12 -15.19 31.14 -11.64
CA TYR C 12 -16.53 30.56 -11.66
C TYR C 12 -17.30 31.22 -12.84
N LYS C 13 -18.59 31.55 -12.66
CA LYS C 13 -19.35 32.34 -13.65
C LYS C 13 -18.74 33.74 -13.72
N TYR C 14 -18.32 34.21 -12.55
CA TYR C 14 -17.53 35.42 -12.41
C TYR C 14 -16.18 35.01 -11.80
N THR C 15 -15.25 35.95 -11.71
CA THR C 15 -13.90 35.67 -11.21
C THR C 15 -13.77 36.27 -9.82
N VAL C 16 -13.20 35.52 -8.88
CA VAL C 16 -12.89 36.08 -7.56
C VAL C 16 -11.43 35.85 -7.22
N VAL C 17 -10.94 36.66 -6.31
CA VAL C 17 -9.60 36.52 -5.78
C VAL C 17 -9.67 36.60 -4.27
N MSE C 18 -8.91 35.73 -3.59
CA MSE C 18 -8.82 35.72 -2.14
C MSE C 18 -7.40 35.40 -1.66
O MSE C 18 -6.68 34.62 -2.29
CB MSE C 18 -9.79 34.69 -1.54
CG MSE C 18 -9.39 33.24 -1.81
SE MSE C 18 -10.90 31.87 -1.72
CE MSE C 18 -11.42 31.90 -3.65
N LYS C 19 -7.01 35.99 -0.54
CA LYS C 19 -5.71 35.73 0.08
C LYS C 19 -5.64 34.26 0.51
N THR C 20 -4.47 33.65 0.38
CA THR C 20 -4.28 32.25 0.76
C THR C 20 -2.84 31.99 1.25
N GLN C 21 -2.63 30.88 1.95
CA GLN C 21 -1.28 30.43 2.29
C GLN C 21 -0.95 29.41 1.20
N PRO C 22 0.28 29.37 0.69
CA PRO C 22 0.65 28.33 -0.29
C PRO C 22 1.05 27.04 0.42
N GLY C 23 0.82 25.91 -0.24
CA GLY C 23 1.05 24.60 0.35
C GLY C 23 -0.05 24.05 1.23
N LEU C 24 -1.22 24.68 1.23
CA LEU C 24 -2.36 24.12 1.96
C LEU C 24 -2.80 22.86 1.22
N PRO C 25 -3.33 21.89 1.95
CA PRO C 25 -3.86 20.66 1.34
C PRO C 25 -5.15 20.93 0.57
N TYR C 26 -5.50 20.02 -0.35
CA TYR C 26 -6.71 20.11 -1.18
C TYR C 26 -7.97 20.43 -0.41
N SER C 27 -8.23 19.69 0.67
CA SER C 27 -9.46 19.87 1.44
C SER C 27 -9.65 21.31 1.92
N GLN C 28 -8.57 21.96 2.32
CA GLN C 28 -8.67 23.33 2.79
C GLN C 28 -8.88 24.34 1.66
N VAL C 29 -8.24 24.13 0.51
CA VAL C 29 -8.47 24.98 -0.66
C VAL C 29 -9.91 24.89 -1.16
N ARG C 30 -10.37 23.67 -1.47
CA ARG C 30 -11.76 23.48 -1.87
C ARG C 30 -12.71 24.15 -0.87
N ASP C 31 -12.41 24.02 0.42
CA ASP C 31 -13.28 24.57 1.46
C ASP C 31 -13.41 26.07 1.39
N MSE C 32 -12.29 26.75 1.19
CA MSE C 32 -12.32 28.21 1.14
C MSE C 32 -12.99 28.70 -0.15
O MSE C 32 -13.74 29.65 -0.11
CB MSE C 32 -10.95 28.85 1.37
CG MSE C 32 -9.84 28.51 0.41
SE MSE C 32 -8.06 29.19 1.09
CE MSE C 32 -8.18 30.92 0.51
N VAL C 33 -12.77 28.04 -1.27
CA VAL C 33 -13.42 28.44 -2.52
C VAL C 33 -14.91 28.21 -2.40
N SER C 34 -15.25 27.12 -1.72
CA SER C 34 -16.62 26.70 -1.52
C SER C 34 -17.38 27.78 -0.78
N LYS C 35 -16.76 28.36 0.24
CA LYS C 35 -17.39 29.42 1.05
C LYS C 35 -17.48 30.77 0.36
N LYS C 36 -16.41 31.17 -0.33
CA LYS C 36 -16.37 32.43 -1.07
C LYS C 36 -17.50 32.52 -2.08
N LEU C 37 -17.77 31.42 -2.79
CA LEU C 37 -18.74 31.40 -3.87
C LEU C 37 -20.12 30.93 -3.42
N GLU C 38 -20.27 30.66 -2.13
CA GLU C 38 -21.53 30.17 -1.56
C GLU C 38 -22.03 28.93 -2.29
N LEU C 39 -21.18 27.90 -2.33
CA LEU C 39 -21.50 26.63 -2.98
C LEU C 39 -21.26 25.45 -2.05
N ARG C 40 -22.07 24.40 -2.25
CA ARG C 40 -21.90 23.13 -1.57
C ARG C 40 -20.58 22.47 -2.00
N LEU C 41 -19.90 21.79 -1.06
CA LEU C 41 -18.65 21.07 -1.38
C LEU C 41 -18.74 20.17 -2.63
N GLU C 42 -19.89 19.54 -2.83
CA GLU C 42 -20.14 18.63 -3.95
C GLU C 42 -20.29 19.35 -5.28
N HIS C 43 -20.83 20.57 -5.24
CA HIS C 43 -20.92 21.45 -6.42
C HIS C 43 -19.67 22.33 -6.62
N THR C 44 -18.64 22.12 -5.80
CA THR C 44 -17.37 22.83 -5.93
C THR C 44 -16.33 21.93 -6.61
N LYS C 45 -16.33 21.96 -7.94
CA LYS C 45 -15.48 21.08 -8.73
C LYS C 45 -14.37 21.89 -9.34
N LEU C 46 -13.14 21.67 -8.90
CA LEU C 46 -12.03 22.53 -9.25
C LEU C 46 -11.03 21.88 -10.20
N SER C 47 -10.37 22.72 -11.00
CA SER C 47 -9.25 22.28 -11.84
C SER C 47 -8.22 23.38 -12.03
N TYR C 48 -7.03 23.01 -12.50
CA TYR C 48 -5.92 23.94 -12.72
C TYR C 48 -5.22 23.64 -14.04
N ARG C 49 -4.16 24.38 -14.36
CA ARG C 49 -3.38 24.19 -15.58
C ARG C 49 -1.92 23.81 -15.27
N PRO C 50 -1.49 22.60 -15.65
CA PRO C 50 -0.10 22.19 -15.43
C PRO C 50 0.86 23.02 -16.25
N ARG C 51 2.15 22.94 -15.89
CA ARG C 51 3.19 23.71 -16.57
C ARG C 51 3.25 23.35 -18.06
N ASP C 52 2.74 24.28 -18.89
CA ASP C 52 2.82 24.23 -20.37
C ASP C 52 1.73 23.40 -21.07
N SER C 53 1.05 22.53 -20.34
CA SER C 53 -0.09 21.81 -20.89
C SER C 53 -1.25 22.77 -20.90
N ASN C 54 -1.64 23.25 -22.09
CA ASN C 54 -2.57 24.38 -22.21
C ASN C 54 -4.07 24.04 -22.05
N GLU C 55 -4.38 23.02 -21.24
CA GLU C 55 -5.75 22.73 -20.80
C GLU C 55 -5.81 22.06 -19.41
N LEU C 56 -7.01 22.05 -18.83
CA LEU C 56 -7.19 21.84 -17.38
C LEU C 56 -7.23 20.39 -16.89
N VAL C 57 -6.70 20.19 -15.68
CA VAL C 57 -6.63 18.90 -14.99
C VAL C 57 -7.40 19.00 -13.66
N PRO C 58 -8.17 17.97 -13.29
CA PRO C 58 -8.87 17.99 -12.00
C PRO C 58 -7.93 18.28 -10.83
N LEU C 59 -8.43 19.05 -9.86
CA LEU C 59 -7.72 19.37 -8.62
C LEU C 59 -8.15 18.36 -7.58
N SER C 60 -7.19 17.82 -6.85
CA SER C 60 -7.48 16.82 -5.84
C SER C 60 -6.36 16.80 -4.81
N GLU C 61 -6.50 15.93 -3.80
CA GLU C 61 -5.43 15.74 -2.83
C GLU C 61 -4.15 15.31 -3.56
N ASP C 62 -4.31 14.52 -4.61
CA ASP C 62 -3.20 14.01 -5.41
C ASP C 62 -2.52 15.07 -6.27
N SER C 63 -3.30 15.91 -6.94
CA SER C 63 -2.73 16.91 -7.84
C SER C 63 -2.43 18.25 -7.16
N MSE C 64 -2.65 18.34 -5.85
CA MSE C 64 -2.61 19.62 -5.14
C MSE C 64 -1.20 20.19 -5.04
O MSE C 64 -1.02 21.40 -5.16
CB MSE C 64 -3.22 19.49 -3.74
CG MSE C 64 -3.50 20.82 -3.00
SE MSE C 64 -4.52 22.21 -4.00
CE MSE C 64 -6.06 22.18 -3.26
N LYS C 65 -0.20 19.33 -4.80
CA LYS C 65 1.19 19.77 -4.69
C LYS C 65 1.71 20.26 -6.04
N ASP C 66 1.31 19.60 -7.12
CA ASP C 66 1.67 20.03 -8.48
C ASP C 66 1.00 21.36 -8.82
N ALA C 67 -0.24 21.52 -8.37
CA ALA C 67 -1.01 22.74 -8.59
C ALA C 67 -0.31 23.94 -7.98
N TRP C 68 0.19 23.80 -6.76
CA TRP C 68 0.93 24.87 -6.10
C TRP C 68 2.24 25.23 -6.81
N GLY C 69 2.78 24.31 -7.60
CA GLY C 69 3.95 24.58 -8.42
C GLY C 69 3.67 25.42 -9.66
N GLN C 70 2.47 25.99 -9.78
CA GLN C 70 2.11 26.81 -10.95
C GLN C 70 1.78 28.24 -10.54
N VAL C 71 2.13 28.59 -9.31
CA VAL C 71 1.97 29.95 -8.82
C VAL C 71 2.86 30.87 -9.68
N LYS C 72 2.24 31.94 -10.19
CA LYS C 72 2.91 32.91 -11.05
C LYS C 72 2.71 34.29 -10.43
N ASN C 73 3.82 34.93 -10.06
CA ASN C 73 3.77 36.21 -9.36
C ASN C 73 2.79 36.14 -8.18
N TYR C 74 2.99 35.10 -7.36
CA TYR C 74 2.28 34.91 -6.08
C TYR C 74 0.77 34.53 -6.19
N CYS C 75 0.25 34.34 -7.40
CA CYS C 75 -1.15 33.95 -7.60
C CYS C 75 -1.27 32.58 -8.27
N LEU C 76 -2.09 31.70 -7.69
CA LEU C 76 -2.48 30.44 -8.31
C LEU C 76 -3.88 30.58 -8.90
N THR C 77 -4.03 30.29 -10.19
CA THR C 77 -5.34 30.35 -10.82
C THR C 77 -6.00 28.98 -10.82
N LEU C 78 -7.27 28.94 -10.43
CA LEU C 78 -8.10 27.75 -10.58
C LEU C 78 -9.39 28.05 -11.35
N TRP C 79 -10.06 26.98 -11.77
CA TRP C 79 -11.31 27.07 -12.51
C TRP C 79 -12.35 26.20 -11.81
N CYS C 80 -13.54 26.74 -11.65
CA CYS C 80 -14.64 26.08 -10.96
C CYS C 80 -15.80 25.92 -11.94
N GLU C 81 -16.29 24.69 -12.10
CA GLU C 81 -17.35 24.39 -13.08
C GLU C 81 -18.59 25.18 -12.73
N ASN C 82 -19.27 25.70 -13.76
CA ASN C 82 -20.24 26.78 -13.55
C ASN C 82 -21.51 26.76 -14.41
N MSE D 4 46.00 14.13 -5.44
CA MSE D 4 45.16 14.95 -4.52
C MSE D 4 44.24 14.04 -3.65
O MSE D 4 44.70 13.46 -2.67
CB MSE D 4 44.38 15.99 -5.34
CG MSE D 4 43.61 17.01 -4.51
SE MSE D 4 44.77 17.94 -3.21
CE MSE D 4 45.43 19.55 -4.32
N ALA D 5 42.96 13.91 -4.02
CA ALA D 5 42.05 12.94 -3.42
C ALA D 5 42.06 11.64 -4.24
N TYR D 6 42.43 10.53 -3.62
CA TYR D 6 42.56 9.23 -4.29
C TYR D 6 41.39 8.31 -3.99
N THR D 7 41.00 7.51 -4.99
CA THR D 7 39.89 6.55 -4.82
C THR D 7 40.18 5.17 -5.39
N LEU D 8 39.43 4.22 -4.85
CA LEU D 8 39.28 2.89 -5.40
C LEU D 8 37.94 2.80 -6.07
N LYS D 9 37.92 2.35 -7.31
CA LYS D 9 36.69 1.97 -7.97
C LYS D 9 36.67 0.46 -8.02
N VAL D 10 35.64 -0.16 -7.44
CA VAL D 10 35.57 -1.60 -7.36
C VAL D 10 34.33 -2.11 -8.09
N HIS D 11 34.56 -2.97 -9.08
CA HIS D 11 33.52 -3.65 -9.81
C HIS D 11 33.25 -5.02 -9.20
N TYR D 12 32.24 -5.09 -8.37
CA TYR D 12 31.63 -6.32 -7.87
C TYR D 12 30.43 -6.64 -8.80
N LYS D 13 29.32 -7.19 -8.29
CA LYS D 13 28.05 -7.26 -9.05
C LYS D 13 27.55 -5.87 -9.41
N TYR D 14 27.77 -4.95 -8.48
CA TYR D 14 27.57 -3.52 -8.66
C TYR D 14 28.91 -2.84 -8.43
N THR D 15 29.01 -1.59 -8.81
CA THR D 15 30.24 -0.82 -8.75
C THR D 15 30.18 0.17 -7.59
N VAL D 16 31.28 0.32 -6.86
CA VAL D 16 31.35 1.29 -5.76
C VAL D 16 32.63 2.11 -5.91
N VAL D 17 32.61 3.31 -5.35
CA VAL D 17 33.80 4.16 -5.28
C VAL D 17 34.05 4.55 -3.81
N MSE D 18 35.28 4.36 -3.33
CA MSE D 18 35.62 4.76 -1.97
C MSE D 18 36.93 5.50 -1.89
O MSE D 18 37.85 5.28 -2.68
CB MSE D 18 35.65 3.55 -1.05
CG MSE D 18 36.89 2.72 -1.16
SE MSE D 18 36.56 0.84 -0.53
CE MSE D 18 35.65 0.24 -2.07
N LYS D 19 37.02 6.39 -0.92
CA LYS D 19 38.28 7.07 -0.64
C LYS D 19 39.36 6.07 -0.22
N THR D 20 40.58 6.37 -0.62
CA THR D 20 41.71 5.54 -0.26
C THR D 20 42.98 6.36 -0.24
N GLN D 21 44.01 5.80 0.41
CA GLN D 21 45.34 6.37 0.37
C GLN D 21 46.16 5.41 -0.47
N PRO D 22 46.94 5.92 -1.41
CA PRO D 22 47.84 5.06 -2.19
C PRO D 22 49.03 4.58 -1.37
N GLY D 23 49.41 3.31 -1.53
CA GLY D 23 50.51 2.71 -0.82
C GLY D 23 50.08 1.75 0.25
N LEU D 24 48.78 1.62 0.48
CA LEU D 24 48.28 0.72 1.51
C LEU D 24 48.58 -0.72 1.15
N PRO D 25 48.87 -1.56 2.14
CA PRO D 25 49.13 -2.98 1.86
C PRO D 25 47.87 -3.73 1.49
N TYR D 26 48.02 -4.85 0.78
CA TYR D 26 46.89 -5.71 0.42
C TYR D 26 45.92 -5.94 1.58
N SER D 27 46.43 -6.21 2.77
CA SER D 27 45.57 -6.55 3.90
C SER D 27 44.56 -5.46 4.27
N GLN D 28 44.99 -4.20 4.21
CA GLN D 28 44.09 -3.08 4.47
C GLN D 28 43.18 -2.77 3.27
N VAL D 29 43.67 -2.88 2.04
CA VAL D 29 42.82 -2.73 0.86
C VAL D 29 41.76 -3.79 0.85
N ARG D 30 42.15 -5.03 1.11
CA ARG D 30 41.20 -6.14 1.07
C ARG D 30 40.13 -5.93 2.12
N ASP D 31 40.53 -5.41 3.27
CA ASP D 31 39.63 -5.27 4.40
C ASP D 31 38.54 -4.24 4.13
N MSE D 32 38.95 -3.07 3.66
CA MSE D 32 38.05 -1.95 3.45
C MSE D 32 37.06 -2.19 2.31
O MSE D 32 35.92 -1.78 2.36
CB MSE D 32 38.82 -0.64 3.23
CG MSE D 32 39.63 -0.59 1.95
SE MSE D 32 40.59 1.17 1.70
CE MSE D 32 40.80 1.70 3.69
N VAL D 33 37.52 -2.91 1.28
CA VAL D 33 36.63 -3.32 0.22
C VAL D 33 35.65 -4.36 0.73
N SER D 34 36.15 -5.29 1.54
CA SER D 34 35.29 -6.27 2.15
C SER D 34 34.17 -5.57 2.93
N LYS D 35 34.53 -4.55 3.69
CA LYS D 35 33.58 -3.83 4.53
C LYS D 35 32.58 -3.03 3.68
N LYS D 36 33.07 -2.39 2.62
CA LYS D 36 32.19 -1.59 1.74
C LYS D 36 31.07 -2.42 1.11
N LEU D 37 31.42 -3.64 0.67
CA LEU D 37 30.51 -4.54 -0.02
C LEU D 37 29.80 -5.53 0.92
N GLU D 38 30.04 -5.41 2.23
CA GLU D 38 29.42 -6.25 3.24
C GLU D 38 29.66 -7.73 2.94
N LEU D 39 30.88 -8.05 2.56
CA LEU D 39 31.31 -9.42 2.27
C LEU D 39 32.23 -9.93 3.37
N ARG D 40 32.25 -11.26 3.56
CA ARG D 40 33.23 -11.88 4.44
C ARG D 40 34.60 -11.65 3.84
N LEU D 41 35.57 -11.41 4.70
CA LEU D 41 36.95 -11.17 4.27
C LEU D 41 37.51 -12.27 3.37
N GLU D 42 37.30 -13.53 3.74
CA GLU D 42 37.85 -14.66 2.95
C GLU D 42 37.10 -14.95 1.63
N HIS D 43 35.97 -14.28 1.42
CA HIS D 43 35.19 -14.39 0.17
C HIS D 43 35.18 -13.06 -0.60
N THR D 44 36.28 -12.31 -0.53
CA THR D 44 36.47 -11.12 -1.37
C THR D 44 37.78 -11.27 -2.11
N LYS D 45 37.70 -11.67 -3.37
CA LYS D 45 38.85 -12.00 -4.19
C LYS D 45 39.01 -10.86 -5.19
N LEU D 46 40.10 -10.11 -5.07
CA LEU D 46 40.28 -8.95 -5.90
C LEU D 46 41.29 -9.21 -7.01
N SER D 47 41.18 -8.42 -8.07
CA SER D 47 42.14 -8.43 -9.17
C SER D 47 42.24 -7.05 -9.81
N TYR D 48 43.28 -6.86 -10.62
CA TYR D 48 43.52 -5.61 -11.30
C TYR D 48 44.07 -5.88 -12.70
N ARG D 49 44.18 -4.82 -13.49
CA ARG D 49 44.74 -4.89 -14.83
C ARG D 49 46.19 -4.40 -14.82
N PRO D 50 47.13 -5.28 -15.15
CA PRO D 50 48.54 -4.91 -15.33
C PRO D 50 48.71 -3.89 -16.45
N ARG D 51 49.88 -3.24 -16.50
CA ARG D 51 50.20 -2.27 -17.55
C ARG D 51 49.77 -2.79 -18.93
N ASP D 52 48.52 -2.48 -19.27
CA ASP D 52 47.86 -2.89 -20.52
C ASP D 52 47.67 -4.40 -20.80
N SER D 53 48.20 -5.29 -19.94
CA SER D 53 48.01 -6.73 -20.11
C SER D 53 46.54 -7.03 -19.86
N ASN D 54 45.79 -7.09 -20.95
CA ASN D 54 44.33 -7.14 -20.99
C ASN D 54 43.64 -8.18 -20.08
N GLU D 55 44.40 -9.14 -19.55
CA GLU D 55 43.85 -10.12 -18.62
C GLU D 55 44.10 -9.67 -17.19
N LEU D 56 43.08 -9.84 -16.35
CA LEU D 56 43.16 -9.47 -14.94
C LEU D 56 44.01 -10.46 -14.16
N VAL D 57 44.78 -9.92 -13.22
CA VAL D 57 45.71 -10.68 -12.41
C VAL D 57 45.29 -10.54 -10.94
N PRO D 58 45.36 -11.60 -10.15
CA PRO D 58 44.95 -11.51 -8.74
C PRO D 58 45.70 -10.44 -7.95
N LEU D 59 44.98 -9.72 -7.11
CA LEU D 59 45.55 -8.76 -6.18
C LEU D 59 45.99 -9.53 -4.95
N SER D 60 47.23 -9.29 -4.52
CA SER D 60 47.82 -10.02 -3.39
C SER D 60 48.87 -9.16 -2.68
N GLU D 61 49.41 -9.66 -1.58
CA GLU D 61 50.47 -8.94 -0.88
C GLU D 61 51.64 -8.69 -1.83
N ASP D 62 51.92 -9.70 -2.65
CA ASP D 62 52.98 -9.65 -3.65
C ASP D 62 52.74 -8.63 -4.78
N SER D 63 51.51 -8.53 -5.27
CA SER D 63 51.23 -7.67 -6.43
C SER D 63 50.68 -6.29 -6.10
N MSE D 64 50.54 -5.96 -4.82
CA MSE D 64 49.91 -4.71 -4.40
C MSE D 64 50.66 -3.46 -4.88
O MSE D 64 50.03 -2.51 -5.34
CB MSE D 64 49.76 -4.64 -2.88
CG MSE D 64 48.92 -3.47 -2.38
SE MSE D 64 46.97 -3.58 -2.85
CE MSE D 64 46.85 -2.22 -4.30
N LYS D 65 51.99 -3.47 -4.75
CA LYS D 65 52.80 -2.33 -5.17
C LYS D 65 52.68 -2.07 -6.66
N ASP D 66 52.56 -3.14 -7.44
CA ASP D 66 52.36 -3.06 -8.89
C ASP D 66 51.00 -2.43 -9.21
N ALA D 67 49.97 -2.89 -8.52
CA ALA D 67 48.60 -2.42 -8.75
C ALA D 67 48.46 -0.94 -8.42
N TRP D 68 49.13 -0.47 -7.37
CA TRP D 68 49.13 0.97 -7.10
C TRP D 68 49.74 1.74 -8.27
N GLY D 69 50.65 1.09 -8.97
CA GLY D 69 51.20 1.59 -10.21
C GLY D 69 50.21 1.96 -11.30
N GLN D 70 49.03 1.34 -11.29
CA GLN D 70 48.01 1.51 -12.35
C GLN D 70 46.95 2.54 -12.01
N VAL D 71 47.16 3.29 -10.93
CA VAL D 71 46.32 4.44 -10.65
C VAL D 71 46.23 5.33 -11.89
N LYS D 72 45.02 5.57 -12.37
CA LYS D 72 44.80 6.48 -13.47
C LYS D 72 43.91 7.60 -12.98
N ASN D 73 44.33 8.83 -13.22
CA ASN D 73 43.55 10.00 -12.81
C ASN D 73 43.06 9.86 -11.37
N TYR D 74 44.01 9.57 -10.48
CA TYR D 74 43.79 9.49 -9.03
C TYR D 74 42.84 8.37 -8.59
N CYS D 75 42.72 7.33 -9.41
CA CYS D 75 41.79 6.24 -9.17
C CYS D 75 42.40 4.88 -9.56
N LEU D 76 42.35 3.92 -8.63
CA LEU D 76 42.69 2.55 -8.95
C LEU D 76 41.41 1.72 -9.09
N THR D 77 41.27 1.05 -10.24
CA THR D 77 40.11 0.21 -10.51
C THR D 77 40.46 -1.24 -10.24
N LEU D 78 39.65 -1.89 -9.40
CA LEU D 78 39.78 -3.31 -9.10
C LEU D 78 38.48 -4.00 -9.41
N TRP D 79 38.59 -5.31 -9.61
CA TRP D 79 37.46 -6.19 -9.83
C TRP D 79 37.36 -7.16 -8.65
N CYS D 80 36.13 -7.53 -8.29
CA CYS D 80 35.85 -8.40 -7.15
C CYS D 80 34.88 -9.52 -7.56
N GLU D 81 35.22 -10.76 -7.24
CA GLU D 81 34.56 -11.92 -7.85
C GLU D 81 33.18 -12.14 -7.24
N ASN D 82 32.21 -12.54 -7.99
CA ASN D 82 30.83 -12.75 -7.50
C ASN D 82 30.81 -13.74 -6.35
N HIS E 3 -1.79 4.53 20.66
CA HIS E 3 -3.03 3.67 20.74
C HIS E 3 -2.83 2.38 21.53
N MSE E 4 -3.63 2.21 22.58
CA MSE E 4 -3.28 1.27 23.65
C MSE E 4 -4.24 0.10 23.82
O MSE E 4 -4.38 -0.48 24.91
CB MSE E 4 -3.16 2.06 24.96
CG MSE E 4 -1.85 2.83 25.08
SE MSE E 4 -0.24 1.71 24.51
CE MSE E 4 -0.41 0.16 25.88
N THR E 5 -4.87 -0.30 22.73
CA THR E 5 -5.80 -1.40 22.83
C THR E 5 -5.06 -2.74 22.74
N ASN E 6 -5.41 -3.68 23.63
CA ASN E 6 -4.95 -5.05 23.49
C ASN E 6 -5.99 -5.78 22.64
N TRP E 7 -5.53 -6.71 21.82
CA TRP E 7 -6.35 -7.35 20.81
C TRP E 7 -6.14 -8.83 20.90
N LEU E 8 -7.23 -9.57 21.04
CA LEU E 8 -7.24 -11.02 20.93
C LEU E 8 -7.68 -11.39 19.50
N ARG E 9 -6.81 -12.04 18.72
CA ARG E 9 -7.23 -12.52 17.41
C ARG E 9 -7.93 -13.86 17.55
N VAL E 10 -9.11 -13.98 16.96
CA VAL E 10 -9.88 -15.20 17.00
C VAL E 10 -10.19 -15.71 15.59
N TYR E 11 -10.21 -17.03 15.45
CA TYR E 11 -10.55 -17.72 14.23
C TYR E 11 -11.95 -18.27 14.37
N TYR E 12 -12.86 -17.85 13.51
CA TYR E 12 -14.26 -18.22 13.62
C TYR E 12 -14.59 -19.15 12.46
N TYR E 13 -14.94 -20.39 12.79
CA TYR E 13 -15.10 -21.44 11.78
C TYR E 13 -16.52 -21.60 11.28
N GLU E 14 -16.64 -21.65 9.96
CA GLU E 14 -17.82 -22.15 9.25
C GLU E 14 -17.32 -23.40 8.52
N ASP E 15 -17.85 -24.55 8.89
CA ASP E 15 -17.24 -25.84 8.54
C ASP E 15 -15.71 -25.84 8.86
N THR E 16 -14.83 -26.14 7.90
CA THR E 16 -13.39 -26.24 8.22
C THR E 16 -12.55 -25.00 7.88
N ILE E 17 -13.16 -23.96 7.33
CA ILE E 17 -12.46 -22.72 7.06
C ILE E 17 -12.88 -21.63 8.07
N SER E 18 -11.92 -20.86 8.54
CA SER E 18 -12.18 -19.80 9.51
C SER E 18 -12.04 -18.42 8.88
N THR E 19 -12.71 -17.45 9.48
CA THR E 19 -12.43 -16.06 9.22
C THR E 19 -11.89 -15.42 10.50
N ILE E 20 -11.18 -14.32 10.33
CA ILE E 20 -10.46 -13.67 11.41
C ILE E 20 -11.22 -12.45 11.90
N LYS E 21 -11.24 -12.29 13.21
CA LYS E 21 -11.82 -11.13 13.88
C LYS E 21 -10.87 -10.76 15.04
N ASP E 22 -10.53 -9.48 15.14
CA ASP E 22 -9.70 -8.99 16.23
C ASP E 22 -10.63 -8.32 17.25
N ILE E 23 -10.48 -8.70 18.52
CA ILE E 23 -11.41 -8.30 19.56
C ILE E 23 -10.66 -7.53 20.64
N ALA E 24 -11.12 -6.30 20.89
CA ALA E 24 -10.60 -5.44 21.95
C ALA E 24 -10.80 -6.11 23.30
N VAL E 25 -9.72 -6.13 24.08
CA VAL E 25 -9.71 -6.69 25.41
C VAL E 25 -8.93 -5.74 26.36
N GLU E 26 -9.58 -5.36 27.45
CA GLU E 26 -9.00 -4.44 28.43
C GLU E 26 -7.85 -5.08 29.22
N GLU E 27 -7.90 -6.40 29.38
CA GLU E 27 -7.04 -7.11 30.32
C GLU E 27 -5.60 -7.20 29.81
N ASP E 28 -4.68 -7.41 30.73
CA ASP E 28 -3.27 -7.40 30.38
C ASP E 28 -2.92 -8.50 29.38
N LEU E 29 -2.06 -8.16 28.40
CA LEU E 29 -1.53 -9.13 27.43
C LEU E 29 -0.88 -10.36 28.06
N SER E 30 -0.37 -10.21 29.28
CA SER E 30 0.32 -11.29 29.98
C SER E 30 -0.64 -12.30 30.64
N SER E 31 -1.92 -12.01 30.67
CA SER E 31 -2.82 -12.65 31.62
C SER E 31 -3.59 -13.87 31.06
N THR E 32 -4.10 -14.65 32.00
CA THR E 32 -4.76 -15.93 31.78
C THR E 32 -6.24 -15.77 32.10
N PRO E 33 -7.10 -15.86 31.10
CA PRO E 33 -8.51 -15.65 31.34
C PRO E 33 -9.13 -16.92 31.89
N LEU E 34 -10.28 -16.79 32.54
CA LEU E 34 -11.12 -17.93 32.86
C LEU E 34 -11.90 -18.32 31.62
N LEU E 35 -12.23 -19.59 31.52
CA LEU E 35 -13.01 -20.13 30.40
C LEU E 35 -14.33 -19.40 30.28
N LYS E 36 -15.03 -19.24 31.39
CA LYS E 36 -16.33 -18.57 31.40
C LYS E 36 -16.26 -17.14 30.85
N ASP E 37 -15.15 -16.45 31.06
CA ASP E 37 -14.97 -15.10 30.52
C ASP E 37 -14.71 -15.10 29.01
N LEU E 38 -14.02 -16.11 28.51
CA LEU E 38 -13.84 -16.26 27.07
C LEU E 38 -15.18 -16.58 26.39
N LEU E 39 -16.00 -17.41 27.04
CA LEU E 39 -17.33 -17.71 26.51
C LEU E 39 -18.17 -16.44 26.46
N GLU E 40 -18.07 -15.56 27.46
CA GLU E 40 -18.90 -14.35 27.46
C GLU E 40 -18.40 -13.36 26.41
N LEU E 41 -17.10 -13.31 26.20
CA LEU E 41 -16.50 -12.55 25.11
C LEU E 41 -16.98 -13.04 23.74
N THR E 42 -17.07 -14.36 23.57
CA THR E 42 -17.47 -14.90 22.28
C THR E 42 -18.96 -14.65 22.02
N ARG E 43 -19.79 -14.80 23.04
CA ARG E 43 -21.20 -14.38 22.97
C ARG E 43 -21.41 -12.91 22.63
N ARG E 44 -20.68 -12.00 23.25
CA ARG E 44 -20.81 -10.59 22.91
C ARG E 44 -20.40 -10.31 21.46
N GLU E 45 -19.38 -10.98 20.96
CA GLU E 45 -18.86 -10.67 19.63
C GLU E 45 -19.54 -11.41 18.48
N PHE E 46 -19.94 -12.66 18.70
CA PHE E 46 -20.52 -13.48 17.63
C PHE E 46 -21.99 -13.77 17.86
N GLN E 47 -22.49 -13.35 19.03
CA GLN E 47 -23.88 -13.50 19.43
C GLN E 47 -24.37 -14.97 19.35
N ARG E 48 -23.53 -15.91 19.74
CA ARG E 48 -23.98 -17.29 19.92
C ARG E 48 -23.28 -17.97 21.07
N GLU E 49 -24.02 -18.89 21.69
CA GLU E 49 -23.54 -19.72 22.79
C GLU E 49 -23.46 -21.22 22.44
N ASP E 50 -23.82 -21.59 21.22
CA ASP E 50 -23.78 -22.98 20.73
C ASP E 50 -22.43 -23.34 20.13
N ILE E 51 -21.38 -22.93 20.81
CA ILE E 51 -20.04 -22.99 20.24
C ILE E 51 -19.11 -23.73 21.18
N ALA E 52 -17.96 -24.14 20.65
CA ALA E 52 -16.88 -24.62 21.49
C ALA E 52 -15.68 -23.73 21.27
N LEU E 53 -14.84 -23.58 22.28
CA LEU E 53 -13.61 -22.85 22.13
C LEU E 53 -12.43 -23.83 22.06
N ASN E 54 -11.39 -23.47 21.33
CA ASN E 54 -10.29 -24.37 21.02
C ASN E 54 -8.99 -23.61 20.81
N TYR E 55 -7.89 -24.32 20.81
CA TYR E 55 -6.61 -23.80 20.36
C TYR E 55 -5.93 -24.84 19.51
N ARG E 56 -4.96 -24.43 18.71
CA ARG E 56 -4.20 -25.38 17.91
C ARG E 56 -2.89 -25.66 18.61
N ASP E 57 -2.59 -26.93 18.89
CA ASP E 57 -1.34 -27.29 19.59
C ASP E 57 -0.12 -27.34 18.67
N ALA E 58 1.04 -27.67 19.24
CA ALA E 58 2.31 -27.63 18.53
C ALA E 58 2.39 -28.67 17.42
N GLU E 59 1.59 -29.73 17.52
CA GLU E 59 1.54 -30.75 16.47
C GLU E 59 0.63 -30.34 15.31
N GLY E 60 -0.11 -29.24 15.43
CA GLY E 60 -1.12 -28.86 14.47
C GLY E 60 -2.55 -29.37 14.73
N ASP E 61 -2.80 -30.03 15.86
CA ASP E 61 -4.16 -30.53 16.16
C ASP E 61 -4.96 -29.51 16.91
N LEU E 62 -6.22 -29.37 16.55
CA LEU E 62 -7.12 -28.48 17.27
C LEU E 62 -7.57 -29.21 18.51
N VAL E 63 -7.57 -28.50 19.63
CA VAL E 63 -7.87 -29.05 20.93
C VAL E 63 -9.00 -28.24 21.54
N ARG E 64 -10.06 -28.92 21.96
CA ARG E 64 -11.18 -28.26 22.61
C ARG E 64 -10.85 -27.94 24.07
N LEU E 65 -11.16 -26.71 24.46
CA LEU E 65 -10.97 -26.23 25.82
C LEU E 65 -12.20 -26.61 26.63
N LEU E 66 -12.02 -27.30 27.75
CA LEU E 66 -13.15 -27.66 28.62
C LEU E 66 -13.13 -27.13 30.03
N SER E 67 -12.03 -26.51 30.42
CA SER E 67 -11.92 -26.04 31.79
C SER E 67 -10.90 -24.93 31.87
N ASP E 68 -10.80 -24.30 33.03
CA ASP E 68 -9.84 -23.23 33.26
C ASP E 68 -8.43 -23.74 33.10
N GLU E 69 -8.18 -24.97 33.51
CA GLU E 69 -6.86 -25.59 33.40
C GLU E 69 -6.43 -25.82 31.94
N ASP E 70 -7.38 -26.16 31.07
CA ASP E 70 -7.08 -26.25 29.63
C ASP E 70 -6.67 -24.90 29.05
N VAL E 71 -7.39 -23.84 29.43
CA VAL E 71 -7.06 -22.49 29.03
C VAL E 71 -5.64 -22.13 29.44
N ALA E 72 -5.24 -22.47 30.65
CA ALA E 72 -3.91 -22.17 31.18
C ALA E 72 -2.82 -22.88 30.39
N LEU E 73 -3.09 -24.12 30.01
CA LEU E 73 -2.22 -24.86 29.09
C LEU E 73 -2.07 -24.16 27.76
N MSE E 74 -3.19 -23.71 27.18
CA MSE E 74 -3.13 -22.97 25.94
C MSE E 74 -2.22 -21.76 26.08
O MSE E 74 -1.38 -21.50 25.22
CB MSE E 74 -4.52 -22.50 25.51
CG MSE E 74 -4.47 -21.46 24.43
SE MSE E 74 -6.29 -20.69 23.93
CE MSE E 74 -6.71 -19.66 25.69
N VAL E 75 -2.37 -21.00 27.16
CA VAL E 75 -1.60 -19.77 27.29
C VAL E 75 -0.12 -20.10 27.47
N ARG E 76 0.15 -21.12 28.27
CA ARG E 76 1.49 -21.60 28.53
C ARG E 76 2.19 -22.06 27.25
N GLN E 77 1.49 -22.76 26.36
CA GLN E 77 2.12 -23.24 25.13
C GLN E 77 2.31 -22.13 24.09
N ALA E 78 1.65 -21.00 24.30
CA ALA E 78 1.60 -19.92 23.32
C ALA E 78 2.97 -19.50 22.77
N ARG E 79 3.04 -19.61 21.44
CA ARG E 79 4.25 -19.44 20.63
C ARG E 79 4.39 -18.03 20.01
N GLY E 80 3.52 -17.11 20.43
CA GLY E 80 3.53 -15.73 19.97
C GLY E 80 4.75 -14.92 20.40
N LEU E 81 5.35 -14.24 19.43
CA LEU E 81 6.40 -13.26 19.68
C LEU E 81 5.69 -11.91 19.86
N PRO E 82 6.10 -11.11 20.85
CA PRO E 82 5.49 -9.77 21.00
C PRO E 82 5.92 -8.86 19.85
N SER E 83 4.98 -8.49 18.98
CA SER E 83 5.21 -7.46 17.98
C SER E 83 4.56 -6.17 18.48
N GLN E 84 4.77 -5.07 17.76
CA GLN E 84 4.18 -3.77 18.13
C GLN E 84 2.64 -3.73 17.92
N LYS E 85 2.04 -4.85 17.53
CA LYS E 85 0.60 -4.92 17.26
C LYS E 85 -0.27 -5.08 18.52
N ARG E 86 0.34 -5.34 19.69
CA ARG E 86 -0.42 -5.54 20.94
C ARG E 86 -1.45 -6.70 20.79
N LEU E 87 -0.97 -7.85 20.33
CA LEU E 87 -1.79 -9.02 20.07
C LEU E 87 -1.53 -9.99 21.19
N PHE E 88 -2.56 -10.66 21.70
CA PHE E 88 -2.31 -11.77 22.62
C PHE E 88 -1.47 -12.81 21.89
N PRO E 89 -0.51 -13.43 22.58
CA PRO E 89 0.35 -14.45 21.95
C PRO E 89 -0.34 -15.77 21.57
N TRP E 90 -1.53 -16.05 22.13
CA TRP E 90 -2.32 -17.24 21.77
C TRP E 90 -3.52 -16.74 21.00
N LYS E 91 -4.06 -17.58 20.13
CA LYS E 91 -5.22 -17.24 19.34
C LYS E 91 -6.34 -18.22 19.61
N LEU E 92 -7.57 -17.71 19.66
CA LEU E 92 -8.74 -18.50 20.03
C LEU E 92 -9.46 -19.01 18.80
N HIS E 93 -9.77 -20.29 18.77
CA HIS E 93 -10.48 -20.93 17.69
C HIS E 93 -11.92 -21.27 18.15
N ILE E 94 -12.90 -20.72 17.44
CA ILE E 94 -14.31 -20.84 17.79
C ILE E 94 -15.02 -21.71 16.75
N THR E 95 -15.69 -22.76 17.22
CA THR E 95 -16.41 -23.69 16.35
C THR E 95 -17.80 -23.94 16.83
N GLN E 96 -18.71 -24.24 15.89
CA GLN E 96 -20.00 -24.84 16.19
C GLN E 96 -19.76 -26.09 16.99
N LYS E 97 -20.49 -26.22 18.09
CA LYS E 97 -20.22 -27.28 19.06
C LYS E 97 -20.32 -28.69 18.49
N ASP E 98 -21.15 -28.89 17.46
CA ASP E 98 -21.29 -30.18 16.76
C ASP E 98 -20.45 -30.28 15.48
N ASN E 99 -19.55 -29.35 15.24
CA ASN E 99 -18.69 -29.40 14.06
C ASN E 99 -17.47 -30.20 14.47
N TYR E 100 -17.48 -31.49 14.17
CA TYR E 100 -16.38 -32.39 14.55
C TYR E 100 -15.35 -32.53 13.43
N ARG E 101 -15.67 -31.98 12.25
CA ARG E 101 -14.79 -32.08 11.08
C ARG E 101 -13.46 -31.32 11.22
N VAL E 102 -13.38 -30.38 12.17
CA VAL E 102 -12.17 -29.60 12.40
C VAL E 102 -11.10 -30.30 13.26
N TYR E 103 -11.45 -31.42 13.88
CA TYR E 103 -10.55 -32.13 14.78
C TYR E 103 -9.83 -33.24 14.02
N ASN E 104 -8.53 -33.40 14.28
CA ASN E 104 -7.69 -34.45 13.64
C ASN E 104 -7.74 -35.75 14.42
N THR E 105 -8.94 -36.35 14.41
CA THR E 105 -9.23 -37.56 15.16
C THR E 105 -9.05 -38.85 14.37
N MSE E 106 -8.72 -38.77 13.09
CA MSE E 106 -8.59 -39.97 12.29
C MSE E 106 -7.25 -40.63 12.58
O MSE E 106 -6.23 -39.97 12.50
CB MSE E 106 -8.69 -39.63 10.79
CG MSE E 106 -8.91 -40.87 9.93
SE MSE E 106 -8.38 -40.69 7.99
CE MSE E 106 -6.33 -40.02 8.25
N PRO E 107 -7.25 -41.92 12.92
CA PRO E 107 -5.99 -42.67 13.05
C PRO E 107 -5.36 -42.93 11.69
N MSE F 4 1.63 -20.39 15.59
CA MSE F 4 2.58 -21.11 14.68
C MSE F 4 2.65 -20.49 13.27
O MSE F 4 1.68 -19.92 12.76
CB MSE F 4 2.20 -22.59 14.57
CG MSE F 4 3.38 -23.50 14.20
SE MSE F 4 4.83 -23.33 15.52
CE MSE F 4 6.33 -22.20 14.56
N THR F 5 3.83 -20.63 12.67
CA THR F 5 4.19 -20.06 11.37
C THR F 5 3.94 -21.07 10.26
N ASN F 6 3.31 -20.61 9.20
CA ASN F 6 3.13 -21.42 8.03
C ASN F 6 3.78 -20.67 6.87
N TRP F 7 3.77 -21.27 5.69
CA TRP F 7 4.37 -20.65 4.50
C TRP F 7 3.30 -20.40 3.44
N LEU F 8 3.35 -19.21 2.84
CA LEU F 8 2.55 -18.84 1.69
C LEU F 8 3.41 -18.80 0.41
N ARG F 9 3.06 -19.59 -0.58
CA ARG F 9 3.74 -19.52 -1.87
C ARG F 9 3.17 -18.37 -2.70
N VAL F 10 4.05 -17.49 -3.18
CA VAL F 10 3.64 -16.38 -4.02
C VAL F 10 4.38 -16.37 -5.36
N TYR F 11 3.66 -15.93 -6.39
CA TYR F 11 4.21 -15.75 -7.71
C TYR F 11 4.39 -14.25 -7.92
N TYR F 12 5.62 -13.84 -8.18
CA TYR F 12 5.96 -12.45 -8.27
C TYR F 12 6.28 -12.14 -9.71
N TYR F 13 5.47 -11.25 -10.31
CA TYR F 13 5.50 -10.96 -11.74
C TYR F 13 6.32 -9.75 -12.17
N GLU F 14 7.13 -9.96 -13.20
CA GLU F 14 7.78 -8.90 -13.93
C GLU F 14 7.24 -9.08 -15.35
N ASP F 15 6.37 -8.17 -15.78
CA ASP F 15 5.58 -8.35 -17.00
C ASP F 15 4.71 -9.60 -16.88
N THR F 16 4.83 -10.58 -17.77
CA THR F 16 3.96 -11.75 -17.76
C THR F 16 4.58 -13.02 -17.19
N ILE F 17 5.83 -12.94 -16.77
CA ILE F 17 6.53 -14.10 -16.23
C ILE F 17 6.77 -13.89 -14.73
N SER F 18 6.63 -14.96 -13.95
CA SER F 18 6.74 -14.83 -12.50
C SER F 18 7.85 -15.71 -11.97
N THR F 19 8.36 -15.34 -10.82
CA THR F 19 9.24 -16.20 -10.04
C THR F 19 8.54 -16.56 -8.74
N ILE F 20 8.93 -17.68 -8.15
CA ILE F 20 8.26 -18.18 -6.95
C ILE F 20 9.02 -17.78 -5.70
N LYS F 21 8.29 -17.38 -4.66
CA LYS F 21 8.86 -17.22 -3.31
C LYS F 21 7.91 -17.74 -2.25
N ASP F 22 8.47 -18.44 -1.27
CA ASP F 22 7.75 -18.85 -0.08
C ASP F 22 8.00 -17.86 1.06
N ILE F 23 6.91 -17.30 1.61
CA ILE F 23 6.95 -16.29 2.68
C ILE F 23 6.36 -16.88 3.95
N ALA F 24 7.03 -16.62 5.07
CA ALA F 24 6.58 -17.07 6.40
C ALA F 24 5.43 -16.18 6.86
N VAL F 25 4.33 -16.79 7.29
CA VAL F 25 3.13 -16.08 7.70
C VAL F 25 2.67 -16.63 9.06
N GLU F 26 2.45 -15.73 10.00
CA GLU F 26 2.04 -16.09 11.33
C GLU F 26 0.51 -16.19 11.37
N GLU F 27 -0.02 -17.20 10.70
CA GLU F 27 -1.45 -17.39 10.61
C GLU F 27 -1.78 -18.84 10.30
N ASP F 28 -2.94 -19.26 10.82
CA ASP F 28 -3.42 -20.62 10.73
C ASP F 28 -3.71 -21.04 9.29
N LEU F 29 -3.30 -22.26 8.95
CA LEU F 29 -3.55 -22.88 7.64
C LEU F 29 -5.01 -22.93 7.21
N SER F 30 -5.92 -23.06 8.15
CA SER F 30 -7.33 -23.09 7.81
C SER F 30 -7.98 -21.72 7.69
N SER F 31 -7.24 -20.65 7.91
CA SER F 31 -7.88 -19.35 7.99
C SER F 31 -7.90 -18.54 6.70
N THR F 32 -8.78 -17.55 6.72
CA THR F 32 -8.94 -16.59 5.66
C THR F 32 -8.25 -15.32 6.10
N PRO F 33 -7.10 -15.00 5.53
CA PRO F 33 -6.38 -13.81 5.98
C PRO F 33 -7.13 -12.52 5.67
N LEU F 34 -6.87 -11.48 6.43
CA LEU F 34 -7.38 -10.15 6.12
C LEU F 34 -6.52 -9.52 5.00
N LEU F 35 -7.17 -8.78 4.13
CA LEU F 35 -6.49 -8.19 2.97
C LEU F 35 -5.39 -7.25 3.48
N LYS F 36 -5.72 -6.45 4.47
CA LYS F 36 -4.74 -5.55 5.08
C LYS F 36 -3.48 -6.28 5.56
N ASP F 37 -3.60 -7.49 6.10
CA ASP F 37 -2.44 -8.22 6.56
C ASP F 37 -1.63 -8.78 5.39
N LEU F 38 -2.30 -9.17 4.32
CA LEU F 38 -1.62 -9.69 3.14
C LEU F 38 -0.84 -8.60 2.44
N LEU F 39 -1.39 -7.39 2.45
CA LEU F 39 -0.72 -6.23 1.90
C LEU F 39 0.51 -5.86 2.72
N GLU F 40 0.36 -5.80 4.03
CA GLU F 40 1.47 -5.54 4.94
C GLU F 40 2.61 -6.53 4.73
N LEU F 41 2.25 -7.82 4.68
CA LEU F 41 3.19 -8.89 4.51
C LEU F 41 3.96 -8.80 3.19
N THR F 42 3.25 -8.60 2.09
CA THR F 42 3.91 -8.59 0.78
C THR F 42 4.68 -7.30 0.54
N ARG F 43 4.15 -6.18 0.99
CA ARG F 43 4.87 -4.93 0.91
C ARG F 43 6.16 -5.01 1.73
N ARG F 44 6.10 -5.65 2.90
CA ARG F 44 7.29 -5.93 3.67
C ARG F 44 8.30 -6.86 2.95
N GLU F 45 7.82 -7.94 2.36
CA GLU F 45 8.70 -8.97 1.79
C GLU F 45 9.32 -8.53 0.45
N PHE F 46 8.55 -7.80 -0.35
CA PHE F 46 9.01 -7.30 -1.65
C PHE F 46 9.49 -5.85 -1.62
N GLN F 47 9.41 -5.22 -0.45
CA GLN F 47 9.89 -3.85 -0.23
C GLN F 47 9.31 -2.87 -1.25
N ARG F 48 8.02 -2.99 -1.52
CA ARG F 48 7.33 -2.02 -2.35
C ARG F 48 5.84 -1.96 -2.07
N GLU F 49 5.24 -0.84 -2.43
CA GLU F 49 3.83 -0.52 -2.15
C GLU F 49 3.05 -0.24 -3.41
N ASP F 50 3.64 -0.47 -4.57
CA ASP F 50 3.00 -0.18 -5.85
C ASP F 50 2.51 -1.48 -6.51
N ILE F 51 2.04 -2.42 -5.68
CA ILE F 51 1.71 -3.77 -6.12
C ILE F 51 0.26 -4.09 -5.86
N ALA F 52 -0.33 -4.91 -6.74
CA ALA F 52 -1.64 -5.48 -6.56
C ALA F 52 -1.52 -6.96 -6.18
N LEU F 53 -2.49 -7.46 -5.43
CA LEU F 53 -2.57 -8.87 -5.09
C LEU F 53 -3.66 -9.52 -5.92
N ASN F 54 -3.43 -10.76 -6.32
CA ASN F 54 -4.31 -11.48 -7.23
C ASN F 54 -4.31 -12.97 -6.91
N TYR F 55 -5.30 -13.69 -7.44
CA TYR F 55 -5.28 -15.14 -7.50
C TYR F 55 -5.67 -15.57 -8.91
N ARG F 56 -5.27 -16.79 -9.28
CA ARG F 56 -5.66 -17.37 -10.53
C ARG F 56 -6.89 -18.23 -10.27
N ASP F 57 -7.98 -17.98 -10.99
CA ASP F 57 -9.25 -18.69 -10.76
C ASP F 57 -9.27 -20.02 -11.51
N ALA F 58 -10.36 -20.76 -11.39
CA ALA F 58 -10.41 -22.14 -11.86
C ALA F 58 -10.42 -22.18 -13.38
N GLU F 59 -10.87 -21.12 -14.01
CA GLU F 59 -10.78 -21.00 -15.47
C GLU F 59 -9.36 -20.63 -15.97
N GLY F 60 -8.45 -20.26 -15.07
CA GLY F 60 -7.12 -19.83 -15.48
C GLY F 60 -6.89 -18.32 -15.66
N ASP F 61 -7.86 -17.52 -15.25
CA ASP F 61 -7.75 -16.05 -15.32
C ASP F 61 -7.25 -15.50 -14.00
N LEU F 62 -6.32 -14.56 -14.09
CA LEU F 62 -5.90 -13.80 -12.95
C LEU F 62 -6.98 -12.81 -12.55
N VAL F 63 -7.24 -12.75 -11.23
CA VAL F 63 -8.24 -11.89 -10.63
C VAL F 63 -7.61 -11.02 -9.54
N ARG F 64 -7.89 -9.73 -9.60
CA ARG F 64 -7.38 -8.81 -8.60
C ARG F 64 -8.28 -8.81 -7.34
N LEU F 65 -7.63 -9.00 -6.19
CA LEU F 65 -8.20 -8.89 -4.88
C LEU F 65 -8.33 -7.44 -4.48
N LEU F 66 -9.55 -7.04 -4.20
CA LEU F 66 -9.84 -5.67 -3.79
C LEU F 66 -10.42 -5.57 -2.40
N SER F 67 -10.95 -6.64 -1.86
CA SER F 67 -11.61 -6.58 -0.58
C SER F 67 -11.48 -7.89 0.16
N ASP F 68 -11.98 -7.90 1.39
CA ASP F 68 -11.94 -9.09 2.20
C ASP F 68 -12.83 -10.19 1.60
N GLU F 69 -13.94 -9.83 0.97
CA GLU F 69 -14.77 -10.80 0.27
C GLU F 69 -14.00 -11.52 -0.83
N ASP F 70 -13.21 -10.80 -1.59
CA ASP F 70 -12.43 -11.41 -2.68
C ASP F 70 -11.45 -12.44 -2.12
N VAL F 71 -10.76 -12.08 -1.05
CA VAL F 71 -9.90 -13.01 -0.36
C VAL F 71 -10.66 -14.28 0.07
N ALA F 72 -11.86 -14.14 0.66
CA ALA F 72 -12.69 -15.29 1.06
C ALA F 72 -13.02 -16.21 -0.09
N LEU F 73 -13.37 -15.62 -1.22
CA LEU F 73 -13.70 -16.37 -2.43
C LEU F 73 -12.50 -17.18 -2.94
N MSE F 74 -11.28 -16.62 -2.84
CA MSE F 74 -10.06 -17.29 -3.27
C MSE F 74 -9.81 -18.50 -2.40
O MSE F 74 -9.46 -19.57 -2.91
CB MSE F 74 -8.88 -16.33 -3.22
CG MSE F 74 -7.48 -16.97 -3.24
SE MSE F 74 -5.94 -15.67 -2.81
CE MSE F 74 -6.43 -15.37 -0.79
N VAL F 75 -9.96 -18.31 -1.10
CA VAL F 75 -9.72 -19.38 -0.14
C VAL F 75 -10.73 -20.53 -0.32
N ARG F 76 -12.00 -20.20 -0.40
CA ARG F 76 -13.05 -21.18 -0.70
C ARG F 76 -12.80 -21.95 -2.01
N GLN F 77 -12.34 -21.25 -3.04
CA GLN F 77 -12.11 -21.88 -4.34
C GLN F 77 -10.95 -22.88 -4.25
N ALA F 78 -10.05 -22.67 -3.29
CA ALA F 78 -8.91 -23.55 -3.10
C ALA F 78 -9.16 -24.76 -2.19
N ARG F 79 -10.39 -24.98 -1.73
CA ARG F 79 -10.70 -26.06 -0.78
C ARG F 79 -10.22 -27.47 -1.16
N GLY F 80 -10.47 -27.89 -2.40
CA GLY F 80 -10.13 -29.24 -2.84
C GLY F 80 -8.71 -29.48 -3.32
N LEU F 81 -7.86 -28.45 -3.31
CA LEU F 81 -6.53 -28.60 -3.87
C LEU F 81 -5.68 -29.55 -3.01
N PRO F 82 -4.74 -30.27 -3.64
CA PRO F 82 -3.77 -31.09 -2.89
C PRO F 82 -2.92 -30.19 -1.98
N SER F 83 -2.78 -30.58 -0.71
CA SER F 83 -2.14 -29.74 0.29
C SER F 83 -0.91 -30.43 0.85
N GLN F 84 0.08 -29.60 1.21
CA GLN F 84 1.31 -30.06 1.84
C GLN F 84 1.35 -29.52 3.28
N LYS F 85 2.15 -30.16 4.13
CA LYS F 85 2.31 -29.70 5.51
C LYS F 85 2.84 -28.26 5.50
N ARG F 86 2.17 -27.39 6.25
CA ARG F 86 2.64 -26.03 6.53
C ARG F 86 2.62 -25.08 5.31
N LEU F 87 1.88 -25.44 4.27
CA LEU F 87 1.78 -24.59 3.08
C LEU F 87 0.32 -24.28 2.77
N PHE F 88 -0.04 -23.01 2.66
CA PHE F 88 -1.38 -22.63 2.29
C PHE F 88 -1.73 -23.29 0.96
N PRO F 89 -2.95 -23.81 0.82
CA PRO F 89 -3.37 -24.44 -0.44
C PRO F 89 -3.64 -23.37 -1.53
N TRP F 90 -3.90 -22.12 -1.14
CA TRP F 90 -4.05 -21.05 -2.10
C TRP F 90 -2.72 -20.32 -2.29
N LYS F 91 -2.56 -19.70 -3.45
CA LYS F 91 -1.33 -19.01 -3.79
C LYS F 91 -1.64 -17.59 -4.25
N LEU F 92 -0.80 -16.65 -3.82
CA LEU F 92 -0.98 -15.24 -4.16
C LEU F 92 -0.10 -14.88 -5.35
N HIS F 93 -0.61 -14.01 -6.21
CA HIS F 93 0.07 -13.52 -7.40
C HIS F 93 0.24 -12.01 -7.29
N ILE F 94 1.48 -11.54 -7.28
CA ILE F 94 1.81 -10.16 -7.01
C ILE F 94 2.26 -9.51 -8.33
N THR F 95 1.56 -8.43 -8.69
CA THR F 95 1.81 -7.71 -9.93
C THR F 95 1.99 -6.21 -9.66
N GLN F 96 2.88 -5.57 -10.39
CA GLN F 96 2.98 -4.10 -10.34
C GLN F 96 1.58 -3.55 -10.68
N LYS F 97 1.11 -2.53 -9.98
CA LYS F 97 -0.30 -2.15 -10.05
C LYS F 97 -0.80 -1.69 -11.44
N ASP F 98 0.12 -1.20 -12.29
CA ASP F 98 -0.18 -0.80 -13.66
C ASP F 98 0.17 -1.84 -14.74
N ASN F 99 0.53 -3.06 -14.32
CA ASN F 99 0.78 -4.18 -15.23
C ASN F 99 -0.56 -4.82 -15.56
N TYR F 100 -1.14 -4.44 -16.67
CA TYR F 100 -2.43 -4.98 -17.09
C TYR F 100 -2.27 -6.13 -18.10
N ARG F 101 -1.05 -6.33 -18.58
CA ARG F 101 -0.78 -7.42 -19.52
C ARG F 101 -1.08 -8.83 -18.97
N VAL F 102 -1.03 -8.98 -17.64
CA VAL F 102 -1.26 -10.29 -17.02
C VAL F 102 -2.72 -10.74 -16.96
N TYR F 103 -3.64 -9.79 -17.12
CA TYR F 103 -5.08 -10.08 -17.07
C TYR F 103 -5.63 -10.47 -18.45
N ASN F 104 -6.49 -11.47 -18.46
CA ASN F 104 -6.96 -12.09 -19.70
C ASN F 104 -8.24 -11.42 -20.13
N THR F 105 -8.12 -10.16 -20.55
CA THR F 105 -9.27 -9.31 -20.78
C THR F 105 -9.65 -9.19 -22.24
N MSE F 106 -8.88 -9.79 -23.15
CA MSE F 106 -9.24 -9.75 -24.56
C MSE F 106 -10.43 -10.69 -24.84
O MSE F 106 -10.40 -11.84 -24.45
CB MSE F 106 -8.07 -10.18 -25.44
CG MSE F 106 -8.19 -9.64 -26.86
SE MSE F 106 -7.13 -10.59 -28.25
CE MSE F 106 -7.28 -12.57 -27.66
N PRO F 107 -11.45 -10.20 -25.54
CA PRO F 107 -12.64 -11.03 -25.82
C PRO F 107 -12.33 -12.16 -26.79
N MSE G 4 -9.36 69.30 -0.50
CA MSE G 4 -9.77 69.46 -1.91
C MSE G 4 -10.23 68.11 -2.48
O MSE G 4 -10.26 67.08 -1.76
CB MSE G 4 -8.61 70.07 -2.73
CG MSE G 4 -9.03 71.00 -3.91
SE MSE G 4 -10.80 71.90 -3.81
CE MSE G 4 -10.49 73.11 -2.15
N THR G 5 -10.58 68.09 -3.77
CA THR G 5 -11.34 67.00 -4.37
C THR G 5 -10.52 66.06 -5.21
N ASN G 6 -10.70 64.78 -4.97
CA ASN G 6 -10.07 63.73 -5.75
C ASN G 6 -11.07 63.10 -6.71
N TRP G 7 -10.56 62.23 -7.59
CA TRP G 7 -11.37 61.67 -8.68
C TRP G 7 -11.17 60.17 -8.77
N LEU G 8 -12.27 59.45 -8.90
CA LEU G 8 -12.24 58.02 -9.08
C LEU G 8 -12.71 57.75 -10.47
N ARG G 9 -11.84 57.14 -11.26
CA ARG G 9 -12.16 56.78 -12.62
C ARG G 9 -12.92 55.47 -12.64
N VAL G 10 -14.06 55.51 -13.30
CA VAL G 10 -14.97 54.40 -13.38
C VAL G 10 -15.20 53.97 -14.81
N TYR G 11 -15.22 52.65 -15.03
CA TYR G 11 -15.54 52.05 -16.30
C TYR G 11 -16.90 51.40 -16.19
N TYR G 12 -17.83 51.85 -17.00
CA TYR G 12 -19.23 51.44 -16.91
C TYR G 12 -19.64 50.62 -18.11
N TYR G 13 -19.97 49.36 -17.87
CA TYR G 13 -20.11 48.39 -18.96
C TYR G 13 -21.57 48.14 -19.37
N GLU G 14 -21.76 48.11 -20.68
CA GLU G 14 -22.97 47.66 -21.34
C GLU G 14 -22.46 46.48 -22.18
N ASP G 15 -22.84 45.27 -21.80
CA ASP G 15 -22.23 44.07 -22.37
C ASP G 15 -20.69 44.11 -22.16
N THR G 16 -19.89 44.03 -23.23
CA THR G 16 -18.43 43.98 -23.10
C THR G 16 -17.73 45.30 -23.36
N ILE G 17 -18.50 46.36 -23.58
CA ILE G 17 -17.94 47.65 -23.91
C ILE G 17 -18.21 48.61 -22.78
N SER G 18 -17.21 49.41 -22.42
CA SER G 18 -17.36 50.39 -21.36
C SER G 18 -17.25 51.83 -21.80
N THR G 19 -17.85 52.69 -20.99
CA THR G 19 -17.62 54.13 -21.05
C THR G 19 -16.94 54.58 -19.76
N ILE G 20 -16.27 55.70 -19.84
CA ILE G 20 -15.44 56.18 -18.76
C ILE G 20 -16.08 57.41 -18.15
N LYS G 21 -16.14 57.45 -16.82
CA LYS G 21 -16.55 58.63 -16.08
C LYS G 21 -15.66 58.85 -14.85
N ASP G 22 -15.18 60.07 -14.70
CA ASP G 22 -14.45 60.47 -13.49
C ASP G 22 -15.40 61.05 -12.45
N ILE G 23 -15.53 60.38 -11.29
CA ILE G 23 -16.42 60.79 -10.20
C ILE G 23 -15.65 61.63 -9.17
N ALA G 24 -16.20 62.78 -8.81
CA ALA G 24 -15.65 63.62 -7.73
C ALA G 24 -15.89 62.92 -6.42
N VAL G 25 -14.82 62.71 -5.64
CA VAL G 25 -14.88 62.02 -4.37
C VAL G 25 -14.08 62.85 -3.36
N GLU G 26 -14.71 63.24 -2.26
CA GLU G 26 -14.03 64.12 -1.30
C GLU G 26 -12.98 63.39 -0.46
N GLU G 27 -13.09 62.08 -0.39
CA GLU G 27 -12.29 61.24 0.48
C GLU G 27 -10.79 61.22 0.10
N ASP G 28 -9.94 61.06 1.10
CA ASP G 28 -8.50 61.03 0.86
C ASP G 28 -8.05 59.91 -0.09
N LEU G 29 -6.99 60.17 -0.86
CA LEU G 29 -6.44 59.17 -1.81
C LEU G 29 -5.88 57.91 -1.16
N SER G 30 -5.51 58.00 0.10
CA SER G 30 -4.99 56.86 0.82
C SER G 30 -6.07 55.91 1.32
N SER G 31 -7.34 56.27 1.21
CA SER G 31 -8.38 55.59 2.00
C SER G 31 -9.00 54.38 1.33
N THR G 32 -9.49 53.47 2.16
CA THR G 32 -10.06 52.19 1.74
C THR G 32 -11.52 52.32 2.00
N PRO G 33 -12.33 52.34 0.96
CA PRO G 33 -13.76 52.40 1.17
C PRO G 33 -14.31 51.05 1.62
N LEU G 34 -15.46 51.10 2.28
CA LEU G 34 -16.23 49.89 2.47
C LEU G 34 -16.98 49.55 1.16
N LEU G 35 -17.25 48.28 0.94
CA LEU G 35 -18.02 47.90 -0.23
C LEU G 35 -19.33 48.67 -0.29
N LYS G 36 -19.98 48.83 0.85
CA LYS G 36 -21.23 49.59 0.99
C LYS G 36 -21.13 51.04 0.49
N ASP G 37 -20.01 51.72 0.78
CA ASP G 37 -19.81 53.11 0.36
C ASP G 37 -19.65 53.19 -1.17
N LEU G 38 -19.03 52.18 -1.77
CA LEU G 38 -18.91 52.07 -3.21
C LEU G 38 -20.27 51.85 -3.90
N LEU G 39 -21.11 50.98 -3.30
CA LEU G 39 -22.45 50.72 -3.82
C LEU G 39 -23.32 51.97 -3.72
N GLU G 40 -23.20 52.72 -2.63
CA GLU G 40 -23.96 53.95 -2.50
C GLU G 40 -23.48 55.00 -3.50
N LEU G 41 -22.18 55.08 -3.72
CA LEU G 41 -21.60 55.98 -4.70
C LEU G 41 -22.11 55.65 -6.10
N THR G 42 -22.15 54.37 -6.42
CA THR G 42 -22.67 53.89 -7.69
C THR G 42 -24.16 54.18 -7.84
N ARG G 43 -24.94 53.95 -6.79
CA ARG G 43 -26.36 54.27 -6.86
C ARG G 43 -26.57 55.76 -7.18
N ARG G 44 -25.79 56.61 -6.52
CA ARG G 44 -25.93 58.06 -6.66
C ARG G 44 -25.46 58.57 -8.04
N GLU G 45 -24.37 58.03 -8.55
CA GLU G 45 -23.80 58.52 -9.80
C GLU G 45 -24.40 57.86 -11.05
N PHE G 46 -24.81 56.60 -10.95
CA PHE G 46 -25.31 55.86 -12.13
C PHE G 46 -26.76 55.40 -12.00
N GLN G 47 -27.36 55.67 -10.84
CA GLN G 47 -28.76 55.38 -10.58
C GLN G 47 -29.11 53.90 -10.75
N ARG G 48 -28.17 53.03 -10.36
CA ARG G 48 -28.28 51.58 -10.48
C ARG G 48 -27.87 50.82 -9.19
N GLU G 49 -28.68 49.84 -8.82
CA GLU G 49 -28.33 48.90 -7.74
C GLU G 49 -28.24 47.43 -8.23
N ASP G 50 -28.52 47.20 -9.52
CA ASP G 50 -28.51 45.86 -10.12
C ASP G 50 -27.16 45.53 -10.75
N ILE G 51 -26.10 45.96 -10.06
CA ILE G 51 -24.76 45.86 -10.60
C ILE G 51 -23.81 45.07 -9.71
N ALA G 52 -22.64 44.80 -10.26
CA ALA G 52 -21.53 44.22 -9.55
C ALA G 52 -20.40 45.21 -9.68
N LEU G 53 -19.59 45.31 -8.63
CA LEU G 53 -18.39 46.11 -8.67
C LEU G 53 -17.22 45.19 -8.88
N ASN G 54 -16.24 45.67 -9.63
CA ASN G 54 -15.10 44.86 -10.03
C ASN G 54 -13.86 45.72 -10.13
N TYR G 55 -12.69 45.09 -10.19
CA TYR G 55 -11.45 45.74 -10.63
C TYR G 55 -10.71 44.84 -11.60
N ARG G 56 -9.73 45.41 -12.26
CA ARG G 56 -8.84 44.62 -13.13
C ARG G 56 -7.51 44.35 -12.44
N ASP G 57 -7.10 43.08 -12.43
CA ASP G 57 -5.90 42.69 -11.70
C ASP G 57 -4.70 42.87 -12.61
N ALA G 58 -3.50 42.59 -12.12
CA ALA G 58 -2.26 42.88 -12.85
C ALA G 58 -2.10 42.05 -14.11
N GLU G 59 -2.83 40.94 -14.19
CA GLU G 59 -2.85 40.12 -15.39
C GLU G 59 -3.93 40.58 -16.36
N GLY G 60 -4.74 41.57 -15.97
CA GLY G 60 -5.80 42.10 -16.81
C GLY G 60 -7.16 41.38 -16.77
N ASP G 61 -7.34 40.44 -15.84
CA ASP G 61 -8.62 39.77 -15.61
C ASP G 61 -9.53 40.62 -14.73
N LEU G 62 -10.81 40.67 -15.08
CA LEU G 62 -11.79 41.36 -14.26
C LEU G 62 -12.12 40.47 -13.08
N VAL G 63 -12.14 41.08 -11.89
CA VAL G 63 -12.37 40.39 -10.61
C VAL G 63 -13.53 41.04 -9.90
N ARG G 64 -14.51 40.23 -9.49
CA ARG G 64 -15.68 40.78 -8.84
C ARG G 64 -15.41 40.97 -7.35
N LEU G 65 -15.81 42.13 -6.86
CA LEU G 65 -15.77 42.47 -5.44
C LEU G 65 -16.97 41.92 -4.68
N LEU G 66 -16.72 41.07 -3.68
CA LEU G 66 -17.80 40.50 -2.89
C LEU G 66 -17.85 40.99 -1.46
N SER G 67 -16.79 41.62 -0.96
CA SER G 67 -16.67 41.97 0.47
C SER G 67 -15.73 43.13 0.72
N ASP G 68 -15.74 43.67 1.93
CA ASP G 68 -14.82 44.74 2.29
C ASP G 68 -13.36 44.31 2.13
N GLU G 69 -13.09 43.04 2.40
CA GLU G 69 -11.75 42.51 2.31
C GLU G 69 -11.28 42.48 0.86
N ASP G 70 -12.18 42.12 -0.06
CA ASP G 70 -11.87 42.17 -1.48
C ASP G 70 -11.48 43.60 -1.90
N VAL G 71 -12.22 44.58 -1.40
CA VAL G 71 -11.94 46.00 -1.66
C VAL G 71 -10.55 46.36 -1.14
N ALA G 72 -10.20 45.86 0.05
CA ALA G 72 -8.89 46.14 0.67
C ALA G 72 -7.75 45.60 -0.18
N LEU G 73 -7.94 44.42 -0.73
CA LEU G 73 -6.96 43.83 -1.60
C LEU G 73 -6.77 44.67 -2.88
N MSE G 74 -7.85 45.19 -3.43
CA MSE G 74 -7.78 46.02 -4.64
C MSE G 74 -6.97 47.26 -4.38
O MSE G 74 -6.09 47.62 -5.16
CB MSE G 74 -9.20 46.39 -5.11
CG MSE G 74 -9.25 47.44 -6.20
SE MSE G 74 -11.12 48.21 -6.54
CE MSE G 74 -11.42 49.17 -4.73
N VAL G 75 -7.27 47.93 -3.28
CA VAL G 75 -6.55 49.15 -2.94
C VAL G 75 -5.04 48.85 -2.75
N ARG G 76 -4.74 47.82 -1.95
CA ARG G 76 -3.36 47.36 -1.72
C ARG G 76 -2.60 47.09 -3.04
N GLN G 77 -3.27 46.41 -3.97
CA GLN G 77 -2.73 45.93 -5.26
C GLN G 77 -2.63 47.03 -6.33
N ALA G 78 -3.21 48.20 -6.08
CA ALA G 78 -3.31 49.26 -7.10
C ALA G 78 -2.00 50.01 -7.34
N ARG G 79 -1.82 50.53 -8.55
CA ARG G 79 -0.61 51.30 -8.93
C ARG G 79 -0.91 52.46 -9.91
N GLY G 80 -0.45 53.65 -9.56
CA GLY G 80 -0.86 54.89 -10.23
C GLY G 80 -0.08 55.25 -11.48
N ARG G 86 -4.68 63.95 -9.16
CA ARG G 86 -5.53 63.68 -7.98
C ARG G 86 -6.53 62.55 -8.32
N LEU G 87 -5.96 61.44 -8.75
CA LEU G 87 -6.71 60.29 -9.21
C LEU G 87 -6.46 59.14 -8.26
N PHE G 88 -7.50 58.44 -7.84
CA PHE G 88 -7.29 57.18 -7.15
C PHE G 88 -6.50 56.26 -8.05
N PRO G 89 -5.51 55.55 -7.51
CA PRO G 89 -4.71 54.62 -8.32
C PRO G 89 -5.46 53.37 -8.75
N TRP G 90 -6.48 52.97 -7.98
CA TRP G 90 -7.38 51.87 -8.39
C TRP G 90 -8.54 52.45 -9.21
N LYS G 91 -8.97 51.70 -10.22
CA LYS G 91 -10.14 52.08 -11.02
C LYS G 91 -11.28 51.09 -10.81
N LEU G 92 -12.49 51.60 -10.74
CA LEU G 92 -13.68 50.80 -10.49
C LEU G 92 -14.38 50.44 -11.79
N HIS G 93 -14.70 49.14 -11.95
CA HIS G 93 -15.44 48.63 -13.09
C HIS G 93 -16.85 48.15 -12.70
N ILE G 94 -17.86 48.81 -13.27
CA ILE G 94 -19.27 48.56 -12.97
C ILE G 94 -19.95 47.72 -14.06
N THR G 95 -20.50 46.59 -13.64
CA THR G 95 -21.12 45.66 -14.56
C THR G 95 -22.47 45.22 -14.07
N GLN G 96 -23.37 45.00 -15.01
CA GLN G 96 -24.67 44.48 -14.70
C GLN G 96 -24.49 43.10 -14.04
N LYS G 97 -25.29 42.82 -13.01
CA LYS G 97 -25.00 41.72 -12.10
C LYS G 97 -25.02 40.35 -12.77
N ASP G 98 -25.83 40.19 -13.83
CA ASP G 98 -25.89 38.93 -14.57
C ASP G 98 -25.10 38.96 -15.87
N ASN G 99 -24.25 39.97 -16.08
CA ASN G 99 -23.35 40.01 -17.25
C ASN G 99 -22.03 39.29 -16.92
N TYR G 100 -21.91 38.05 -17.38
CA TYR G 100 -20.77 37.20 -17.11
C TYR G 100 -19.74 37.22 -18.22
N ARG G 101 -20.12 37.77 -19.38
CA ARG G 101 -19.25 37.80 -20.55
C ARG G 101 -17.93 38.56 -20.32
N VAL G 102 -17.93 39.47 -19.35
CA VAL G 102 -16.74 40.30 -19.12
C VAL G 102 -15.62 39.61 -18.34
N TYR G 103 -15.93 38.49 -17.72
CA TYR G 103 -14.94 37.74 -16.95
C TYR G 103 -14.19 36.79 -17.87
N ASN G 104 -12.88 36.69 -17.68
CA ASN G 104 -12.00 35.81 -18.45
C ASN G 104 -11.97 34.36 -17.90
N THR G 105 -13.10 33.69 -17.95
CA THR G 105 -13.27 32.45 -17.23
C THR G 105 -13.04 31.24 -18.10
N MSE G 106 -12.67 31.47 -19.35
CA MSE G 106 -12.43 30.41 -20.29
C MSE G 106 -10.96 30.00 -20.27
O MSE G 106 -10.11 30.85 -20.50
CB MSE G 106 -12.83 30.87 -21.70
CG MSE G 106 -13.12 29.73 -22.65
SE MSE G 106 -14.38 28.41 -21.88
CE MSE G 106 -15.76 29.69 -21.21
N PRO G 107 -10.65 28.75 -20.02
CA PRO G 107 -9.27 28.28 -20.25
C PRO G 107 -8.94 28.36 -21.74
N THR H 5 11.21 26.38 -4.46
CA THR H 5 11.18 24.92 -4.82
C THR H 5 12.01 24.58 -6.08
N ASN H 6 12.96 23.67 -5.88
CA ASN H 6 13.83 23.19 -6.95
C ASN H 6 13.44 21.78 -7.41
N TRP H 7 14.15 21.28 -8.42
CA TRP H 7 13.85 20.00 -9.07
C TRP H 7 15.08 19.14 -9.13
N LEU H 8 14.94 17.90 -8.69
CA LEU H 8 15.94 16.87 -8.87
C LEU H 8 15.53 15.99 -10.06
N ARG H 9 16.42 15.91 -11.04
CA ARG H 9 16.13 15.10 -12.21
C ARG H 9 16.59 13.71 -11.87
N VAL H 10 15.73 12.74 -12.15
CA VAL H 10 16.06 11.36 -11.89
C VAL H 10 15.78 10.50 -13.13
N TYR H 11 16.59 9.47 -13.25
CA TYR H 11 16.52 8.46 -14.31
C TYR H 11 16.09 7.16 -13.62
N TYR H 12 14.94 6.65 -14.04
CA TYR H 12 14.32 5.53 -13.41
C TYR H 12 14.47 4.35 -14.37
N TYR H 13 15.22 3.30 -13.97
CA TYR H 13 15.60 2.22 -14.91
C TYR H 13 14.67 0.99 -14.90
N GLU H 14 14.21 0.55 -16.09
CA GLU H 14 13.70 -0.82 -16.30
C GLU H 14 14.74 -1.56 -17.10
N ASP H 15 15.37 -2.57 -16.52
CA ASP H 15 16.55 -3.18 -17.11
C ASP H 15 17.61 -2.09 -17.49
N THR H 16 18.07 -1.99 -18.74
CA THR H 16 19.12 -0.98 -19.05
C THR H 16 18.63 0.34 -19.63
N ILE H 17 17.31 0.53 -19.69
CA ILE H 17 16.74 1.75 -20.24
C ILE H 17 15.99 2.53 -19.16
N SER H 18 16.23 3.83 -19.11
CA SER H 18 15.60 4.71 -18.12
C SER H 18 14.57 5.66 -18.70
N THR H 19 13.62 6.09 -17.86
CA THR H 19 12.77 7.23 -18.16
C THR H 19 13.14 8.38 -17.22
N ILE H 20 12.78 9.59 -17.62
CA ILE H 20 13.14 10.80 -16.90
C ILE H 20 11.98 11.34 -16.05
N LYS H 21 12.23 11.64 -14.78
CA LYS H 21 11.25 12.34 -13.95
C LYS H 21 11.92 13.42 -13.13
N ASP H 22 11.34 14.61 -13.12
CA ASP H 22 11.82 15.70 -12.28
C ASP H 22 10.98 15.75 -11.01
N ILE H 23 11.63 15.69 -9.87
CA ILE H 23 10.95 15.58 -8.60
C ILE H 23 11.19 16.86 -7.82
N ALA H 24 10.12 17.40 -7.24
CA ALA H 24 10.21 18.62 -6.41
C ALA H 24 10.93 18.34 -5.10
N VAL H 25 11.82 19.26 -4.76
CA VAL H 25 12.65 19.17 -3.56
C VAL H 25 12.70 20.58 -3.00
N GLU H 26 12.38 20.75 -1.73
CA GLU H 26 12.30 22.09 -1.13
C GLU H 26 13.70 22.74 -0.98
N GLU H 27 14.68 21.90 -0.72
CA GLU H 27 15.98 22.29 -0.25
C GLU H 27 16.79 23.08 -1.29
N ASP H 28 17.74 23.87 -0.78
CA ASP H 28 18.61 24.69 -1.61
C ASP H 28 19.43 23.87 -2.60
N LEU H 29 19.63 24.44 -3.80
CA LEU H 29 20.42 23.81 -4.87
C LEU H 29 21.87 23.51 -4.53
N SER H 30 22.44 24.27 -3.60
CA SER H 30 23.79 24.06 -3.11
C SER H 30 23.94 22.86 -2.19
N SER H 31 22.82 22.33 -1.69
CA SER H 31 22.83 21.40 -0.56
C SER H 31 23.09 19.92 -0.89
N THR H 32 23.60 19.22 0.13
CA THR H 32 24.02 17.82 0.05
C THR H 32 23.04 17.04 0.89
N PRO H 33 22.25 16.15 0.32
CA PRO H 33 21.32 15.36 1.16
C PRO H 33 22.02 14.19 1.85
N LEU H 34 21.34 13.65 2.86
CA LEU H 34 21.77 12.40 3.45
C LEU H 34 21.20 11.30 2.55
N LEU H 35 21.87 10.16 2.47
CA LEU H 35 21.33 9.00 1.76
C LEU H 35 19.89 8.68 2.19
N LYS H 36 19.61 8.79 3.49
CA LYS H 36 18.31 8.44 4.05
C LYS H 36 17.22 9.34 3.49
N ASP H 37 17.54 10.61 3.28
CA ASP H 37 16.59 11.55 2.66
C ASP H 37 16.32 11.28 1.17
N LEU H 38 17.33 10.88 0.41
CA LEU H 38 17.09 10.44 -0.97
C LEU H 38 16.22 9.18 -1.02
N LEU H 39 16.37 8.30 -0.05
CA LEU H 39 15.59 7.06 -0.01
C LEU H 39 14.13 7.35 0.33
N GLU H 40 13.86 8.31 1.20
CA GLU H 40 12.48 8.67 1.57
C GLU H 40 11.80 9.32 0.38
N LEU H 41 12.54 10.19 -0.32
CA LEU H 41 12.06 10.87 -1.51
C LEU H 41 11.68 9.85 -2.56
N THR H 42 12.59 8.91 -2.79
CA THR H 42 12.36 7.89 -3.79
C THR H 42 11.15 7.03 -3.38
N ARG H 43 11.04 6.69 -2.10
CA ARG H 43 9.89 5.92 -1.64
C ARG H 43 8.58 6.67 -1.86
N ARG H 44 8.56 7.95 -1.47
CA ARG H 44 7.41 8.83 -1.66
C ARG H 44 7.00 8.92 -3.13
N GLU H 45 7.97 9.06 -4.03
CA GLU H 45 7.66 9.31 -5.43
C GLU H 45 7.38 8.05 -6.28
N PHE H 46 8.08 6.97 -5.97
CA PHE H 46 7.99 5.75 -6.77
C PHE H 46 7.31 4.62 -6.03
N GLN H 47 7.04 4.83 -4.74
CA GLN H 47 6.39 3.83 -3.88
C GLN H 47 7.18 2.51 -3.80
N ARG H 48 8.51 2.63 -3.79
CA ARG H 48 9.42 1.48 -3.78
C ARG H 48 10.58 1.69 -2.82
N GLU H 49 11.00 0.59 -2.20
CA GLU H 49 12.18 0.50 -1.36
C GLU H 49 13.10 -0.63 -1.82
N ASP H 50 12.75 -1.32 -2.90
CA ASP H 50 13.54 -2.44 -3.45
C ASP H 50 14.52 -1.93 -4.53
N ILE H 51 15.05 -0.73 -4.33
CA ILE H 51 15.82 -0.03 -5.35
C ILE H 51 17.15 0.41 -4.80
N ALA H 52 18.10 0.59 -5.70
CA ALA H 52 19.40 1.13 -5.39
C ALA H 52 19.46 2.53 -5.99
N LEU H 53 20.19 3.41 -5.34
CA LEU H 53 20.40 4.75 -5.88
C LEU H 53 21.81 4.78 -6.38
N ASN H 54 22.06 5.55 -7.43
CA ASN H 54 23.32 5.57 -8.18
C ASN H 54 23.63 6.96 -8.77
N TYR H 55 24.89 7.16 -9.19
CA TYR H 55 25.22 8.26 -10.06
C TYR H 55 26.13 7.75 -11.15
N ARG H 56 26.23 8.51 -12.25
CA ARG H 56 27.17 8.19 -13.32
C ARG H 56 28.40 9.06 -13.15
N ASP H 57 29.58 8.42 -13.10
CA ASP H 57 30.81 9.16 -12.83
C ASP H 57 31.39 9.72 -14.12
N ALA H 58 32.47 10.46 -14.02
CA ALA H 58 33.04 11.15 -15.17
C ALA H 58 33.56 10.22 -16.27
N GLU H 59 33.82 8.94 -15.96
CA GLU H 59 34.21 7.97 -16.98
C GLU H 59 33.01 7.30 -17.63
N GLY H 60 31.81 7.62 -17.16
CA GLY H 60 30.58 7.04 -17.69
C GLY H 60 30.10 5.80 -16.96
N ASP H 61 30.73 5.40 -15.86
CA ASP H 61 30.31 4.23 -15.13
C ASP H 61 29.26 4.58 -14.09
N LEU H 62 28.22 3.77 -14.02
CA LEU H 62 27.31 3.85 -12.92
C LEU H 62 27.91 3.36 -11.61
N VAL H 63 27.71 4.15 -10.56
CA VAL H 63 28.23 3.89 -9.25
C VAL H 63 27.11 3.87 -8.22
N ARG H 64 27.04 2.80 -7.42
CA ARG H 64 25.99 2.66 -6.42
C ARG H 64 26.32 3.42 -5.13
N LEU H 65 25.32 4.13 -4.63
CA LEU H 65 25.44 4.92 -3.45
C LEU H 65 25.12 4.05 -2.24
N LEU H 66 26.05 3.97 -1.29
CA LEU H 66 25.90 3.16 -0.10
C LEU H 66 25.90 3.92 1.22
N SER H 67 26.40 5.16 1.22
CA SER H 67 26.54 5.94 2.44
C SER H 67 26.36 7.43 2.21
N ASP H 68 26.22 8.19 3.29
CA ASP H 68 26.24 9.64 3.23
C ASP H 68 27.48 10.16 2.53
N GLU H 69 28.62 9.53 2.78
CA GLU H 69 29.88 9.91 2.14
C GLU H 69 29.88 9.73 0.62
N ASP H 70 29.25 8.66 0.12
CA ASP H 70 29.11 8.45 -1.32
C ASP H 70 28.26 9.57 -1.93
N VAL H 71 27.18 9.90 -1.26
CA VAL H 71 26.35 11.00 -1.70
C VAL H 71 27.11 12.31 -1.83
N ALA H 72 27.98 12.60 -0.88
CA ALA H 72 28.76 13.82 -0.90
C ALA H 72 29.71 13.84 -2.10
N LEU H 73 30.31 12.70 -2.41
CA LEU H 73 31.18 12.58 -3.58
C LEU H 73 30.44 12.90 -4.86
N MSE H 74 29.22 12.37 -4.99
CA MSE H 74 28.39 12.61 -6.14
C MSE H 74 28.15 14.11 -6.31
O MSE H 74 28.26 14.65 -7.41
CB MSE H 74 27.04 11.91 -5.98
CG MSE H 74 26.04 12.24 -7.08
SE MSE H 74 24.19 11.54 -6.73
CE MSE H 74 23.88 12.37 -4.90
N VAL H 75 27.81 14.78 -5.22
CA VAL H 75 27.50 16.19 -5.30
C VAL H 75 28.78 16.98 -5.67
N ARG H 76 29.93 16.59 -5.10
CA ARG H 76 31.19 17.27 -5.40
C ARG H 76 31.58 17.11 -6.87
N GLN H 77 31.27 15.97 -7.46
CA GLN H 77 31.74 15.65 -8.81
C GLN H 77 30.86 16.32 -9.87
N ALA H 78 29.67 16.75 -9.48
CA ALA H 78 28.81 17.52 -10.37
C ALA H 78 29.17 19.02 -10.49
N ARG H 79 29.76 19.62 -9.45
CA ARG H 79 30.22 21.02 -9.53
C ARG H 79 31.27 21.18 -10.67
N LYS H 85 18.41 25.69 -14.43
CA LYS H 85 16.96 25.85 -14.55
C LYS H 85 16.24 25.35 -13.29
N ARG H 86 16.49 26.00 -12.17
CA ARG H 86 16.22 25.42 -10.82
C ARG H 86 16.37 23.86 -10.73
N LEU H 87 17.38 23.33 -11.41
CA LEU H 87 17.69 21.92 -11.46
C LEU H 87 18.95 21.69 -10.65
N PHE H 88 18.95 20.69 -9.78
CA PHE H 88 20.19 20.24 -9.17
C PHE H 88 21.19 19.85 -10.26
N PRO H 89 22.47 20.18 -10.06
CA PRO H 89 23.48 19.87 -11.07
C PRO H 89 23.81 18.36 -11.14
N TRP H 90 23.59 17.64 -10.04
CA TRP H 90 23.76 16.19 -10.04
C TRP H 90 22.42 15.52 -10.33
N LYS H 91 22.48 14.33 -10.90
CA LYS H 91 21.28 13.57 -11.24
C LYS H 91 21.31 12.19 -10.62
N LEU H 92 20.15 11.73 -10.15
CA LEU H 92 20.06 10.47 -9.42
C LEU H 92 19.56 9.38 -10.35
N HIS H 93 20.19 8.19 -10.28
CA HIS H 93 19.86 7.05 -11.12
C HIS H 93 19.35 5.95 -10.18
N ILE H 94 18.12 5.53 -10.42
CA ILE H 94 17.37 4.60 -9.59
C ILE H 94 17.19 3.29 -10.34
N THR H 95 17.68 2.20 -9.74
CA THR H 95 17.65 0.86 -10.33
C THR H 95 17.08 -0.11 -9.33
N GLN H 96 16.34 -1.09 -9.82
CA GLN H 96 15.94 -2.24 -9.00
C GLN H 96 17.19 -2.84 -8.38
N LYS H 97 17.09 -3.27 -7.14
CA LYS H 97 18.31 -3.63 -6.42
C LYS H 97 19.06 -4.85 -6.95
N ASP H 98 18.38 -5.76 -7.62
CA ASP H 98 19.04 -6.91 -8.26
C ASP H 98 19.36 -6.71 -9.75
N ASN H 99 19.21 -5.48 -10.26
CA ASN H 99 19.57 -5.18 -11.64
C ASN H 99 21.06 -4.83 -11.72
N TYR H 100 21.86 -5.86 -12.02
CA TYR H 100 23.31 -5.71 -12.13
C TYR H 100 23.81 -5.40 -13.56
N ARG H 101 22.91 -5.52 -14.54
CA ARG H 101 23.24 -5.24 -15.96
C ARG H 101 23.68 -3.80 -16.26
N VAL H 102 23.22 -2.87 -15.44
CA VAL H 102 23.54 -1.47 -15.66
C VAL H 102 24.93 -1.08 -15.22
N TYR H 103 25.60 -1.92 -14.44
CA TYR H 103 26.95 -1.61 -13.98
C TYR H 103 27.99 -2.10 -15.02
N ASN H 104 29.05 -1.33 -15.22
CA ASN H 104 30.09 -1.67 -16.19
C ASN H 104 31.18 -2.54 -15.54
N THR H 105 30.81 -3.77 -15.19
CA THR H 105 31.67 -4.59 -14.33
C THR H 105 32.52 -5.60 -15.07
N MSE H 106 32.26 -5.77 -16.37
CA MSE H 106 32.98 -6.75 -17.17
C MSE H 106 34.38 -6.18 -17.48
O MSE H 106 34.49 -5.06 -17.94
CB MSE H 106 32.20 -7.05 -18.45
CG MSE H 106 32.98 -7.78 -19.52
SE MSE H 106 31.84 -8.30 -21.10
CE MSE H 106 30.57 -9.51 -20.12
N PRO H 107 35.42 -6.95 -17.21
CA PRO H 107 36.80 -6.55 -17.54
C PRO H 107 37.01 -6.34 -19.03
#